data_5FL4
#
_entry.id   5FL4
#
_cell.length_a   152.290
_cell.length_b   152.290
_cell.length_c   172.130
_cell.angle_alpha   90.00
_cell.angle_beta   90.00
_cell.angle_gamma   120.00
#
_symmetry.space_group_name_H-M   'H 3'
#
loop_
_entity.id
_entity.type
_entity.pdbx_description
1 polymer 'CARBONIC ANHYDRASE 9'
2 non-polymer 'ZINC ION'
3 non-polymer 5-(1-naphthalen-1-yl-1,2,3-triazol-4-yl)thiophene-2-sulfonamide
4 non-polymer GLYCEROL
5 non-polymer 'ACETIC ACID'
6 water water
#
_entity_poly.entity_id   1
_entity_poly.type   'polypeptide(L)'
_entity_poly.pdbx_seq_one_letter_code
;GPDQSHWRYGGDPPWPRVSPACAGRFQSPVDIRPQLAAFSPALRPLELLGFQLPPLPELRLRNNGHSVQLTLPPGLEMAL
GPGREYRALQLHLHWGAAGRPGSEHTVEGHRFPAEIHVVHLSTAFARVDEALGRPGGLAVLAAFLEEGPEENSAYEQLLS
RLEEIAEEGSETQVPGLDISALLPSDFSRYFQYEGSLTTPPCAQGVIWTVFNQTVMLSAKQLHTLSDTLWGPGDSRLQLN
FRATQPLNGRVIEASFP
;
_entity_poly.pdbx_strand_id   A,B,C,D
#
# COMPACT_ATOMS: atom_id res chain seq x y z
N TRP A 7 -18.10 -14.37 2.49
CA TRP A 7 -18.86 -14.12 3.76
C TRP A 7 -19.97 -13.08 3.58
N ARG A 8 -20.97 -13.12 4.46
CA ARG A 8 -22.06 -12.14 4.44
C ARG A 8 -22.62 -11.85 5.84
N TYR A 9 -23.30 -10.71 5.99
CA TYR A 9 -24.16 -10.47 7.14
C TYR A 9 -25.46 -11.28 7.04
N GLY A 10 -25.95 -11.77 8.18
CA GLY A 10 -27.27 -12.41 8.26
C GLY A 10 -27.40 -13.82 7.69
N GLY A 11 -26.30 -14.57 7.63
CA GLY A 11 -26.35 -15.94 7.10
C GLY A 11 -25.00 -16.54 6.80
N ASP A 12 -25.02 -17.77 6.30
CA ASP A 12 -23.82 -18.59 6.10
C ASP A 12 -22.91 -18.04 4.97
N PRO A 13 -21.64 -18.43 4.91
CA PRO A 13 -20.97 -19.36 5.84
C PRO A 13 -20.74 -18.79 7.26
N PRO A 14 -20.71 -19.67 8.29
CA PRO A 14 -20.30 -19.18 9.62
C PRO A 14 -18.91 -18.54 9.56
N TRP A 15 -18.76 -17.35 10.14
CA TRP A 15 -17.51 -16.60 10.06
C TRP A 15 -16.25 -17.32 10.57
N PRO A 16 -16.33 -18.05 11.71
CA PRO A 16 -15.18 -18.90 12.16
C PRO A 16 -14.72 -19.94 11.11
N ARG A 17 -15.63 -20.42 10.28
CA ARG A 17 -15.28 -21.31 9.17
C ARG A 17 -14.50 -20.55 8.08
N VAL A 18 -14.87 -19.28 7.86
CA VAL A 18 -14.15 -18.42 6.91
C VAL A 18 -12.76 -18.03 7.47
N SER A 19 -12.73 -17.66 8.74
CA SER A 19 -11.49 -17.27 9.40
C SER A 19 -11.54 -17.66 10.86
N PRO A 20 -10.61 -18.49 11.34
CA PRO A 20 -10.69 -18.88 12.75
C PRO A 20 -10.60 -17.72 13.72
N ALA A 21 -9.95 -16.62 13.31
CA ALA A 21 -9.81 -15.45 14.16
C ALA A 21 -11.15 -14.80 14.54
N CYS A 22 -12.21 -15.03 13.75
CA CYS A 22 -13.57 -14.60 14.12
C CYS A 22 -14.13 -15.23 15.40
N ALA A 23 -13.48 -16.32 15.87
CA ALA A 23 -13.82 -16.95 17.16
C ALA A 23 -12.81 -16.64 18.23
N GLY A 24 -12.02 -15.57 18.06
CA GLY A 24 -11.12 -15.14 19.09
C GLY A 24 -11.87 -14.63 20.30
N ARG A 25 -11.15 -14.56 21.42
CA ARG A 25 -11.69 -14.10 22.68
C ARG A 25 -11.89 -12.59 22.71
N PHE A 26 -11.15 -11.84 21.89
CA PHE A 26 -11.01 -10.39 22.03
C PHE A 26 -11.43 -9.68 20.73
N GLN A 27 -12.73 -9.80 20.44
CA GLN A 27 -13.32 -9.31 19.19
C GLN A 27 -14.00 -7.95 19.34
N SER A 28 -14.27 -7.35 18.18
CA SER A 28 -14.99 -6.08 18.06
C SER A 28 -16.20 -6.31 17.18
N PRO A 29 -17.25 -5.47 17.27
CA PRO A 29 -17.31 -4.30 18.16
C PRO A 29 -17.75 -4.72 19.57
N VAL A 30 -17.81 -3.73 20.47
CA VAL A 30 -18.18 -3.95 21.85
C VAL A 30 -19.17 -2.90 22.32
N ASP A 31 -19.79 -3.21 23.46
CA ASP A 31 -20.67 -2.28 24.13
C ASP A 31 -19.80 -1.49 25.08
N ILE A 32 -19.71 -0.18 24.86
CA ILE A 32 -18.98 0.70 25.73
C ILE A 32 -19.91 1.05 26.90
N ARG A 33 -19.51 0.65 28.11
CA ARG A 33 -20.21 1.04 29.34
C ARG A 33 -19.30 2.03 30.02
N PRO A 34 -19.55 3.35 29.87
CA PRO A 34 -18.54 4.34 30.27
C PRO A 34 -18.24 4.44 31.78
N GLN A 35 -19.14 3.96 32.64
CA GLN A 35 -18.80 3.85 34.08
C GLN A 35 -17.67 2.84 34.32
N LEU A 36 -17.64 1.76 33.53
CA LEU A 36 -16.60 0.76 33.62
C LEU A 36 -15.35 1.08 32.79
N ALA A 37 -15.37 2.18 32.01
CA ALA A 37 -14.17 2.64 31.30
C ALA A 37 -13.17 3.14 32.28
N ALA A 38 -11.89 3.00 31.94
CA ALA A 38 -10.78 3.40 32.78
C ALA A 38 -10.20 4.70 32.30
N PHE A 39 -10.16 5.72 33.17
CA PHE A 39 -9.61 7.00 32.80
C PHE A 39 -8.13 6.86 32.69
N SER A 40 -7.58 7.35 31.58
CA SER A 40 -6.19 7.17 31.25
C SER A 40 -5.62 8.46 30.66
N PRO A 41 -4.91 9.28 31.48
CA PRO A 41 -4.47 10.61 30.96
C PRO A 41 -3.31 10.61 29.98
N ALA A 42 -2.69 9.47 29.75
CA ALA A 42 -1.73 9.37 28.66
C ALA A 42 -2.44 9.40 27.27
N LEU A 43 -3.76 9.22 27.22
CA LEU A 43 -4.48 9.33 25.94
C LEU A 43 -4.66 10.81 25.56
N ARG A 44 -3.76 11.29 24.67
CA ARG A 44 -3.74 12.67 24.19
C ARG A 44 -4.59 12.87 22.93
N PRO A 45 -4.78 14.14 22.51
CA PRO A 45 -5.61 14.34 21.31
C PRO A 45 -5.05 13.66 20.04
N LEU A 46 -5.92 12.99 19.30
CA LEU A 46 -5.50 12.37 18.02
C LEU A 46 -4.97 13.43 17.07
N GLU A 47 -3.92 13.12 16.31
CA GLU A 47 -3.37 14.06 15.32
C GLU A 47 -3.43 13.52 13.89
N LEU A 48 -3.91 14.35 12.95
CA LEU A 48 -4.12 13.98 11.54
C LEU A 48 -3.40 14.95 10.62
N LEU A 49 -2.58 14.46 9.68
CA LEU A 49 -1.88 15.33 8.72
C LEU A 49 -2.21 14.84 7.33
N GLY A 50 -2.39 15.78 6.39
CA GLY A 50 -2.67 15.45 5.00
C GLY A 50 -4.12 15.05 4.72
N PHE A 51 -5.04 15.26 5.64
CA PHE A 51 -6.45 14.84 5.40
C PHE A 51 -7.23 15.84 4.54
N GLN A 52 -6.72 17.06 4.40
CA GLN A 52 -7.37 18.09 3.59
C GLN A 52 -6.86 17.98 2.15
N LEU A 53 -7.60 17.24 1.36
CA LEU A 53 -7.16 16.83 0.02
C LEU A 53 -7.58 17.84 -1.05
N PRO A 54 -6.76 17.97 -2.11
CA PRO A 54 -7.20 18.71 -3.28
C PRO A 54 -8.24 17.87 -4.05
N PRO A 55 -9.03 18.49 -4.93
CA PRO A 55 -10.09 17.79 -5.63
C PRO A 55 -9.54 16.72 -6.60
N LEU A 56 -8.40 16.98 -7.23
CA LEU A 56 -7.72 16.00 -8.07
C LEU A 56 -6.39 15.63 -7.45
N PRO A 57 -6.00 14.35 -7.41
CA PRO A 57 -6.70 13.27 -8.12
C PRO A 57 -7.96 12.77 -7.37
N GLU A 58 -8.88 12.18 -8.12
CA GLU A 58 -10.10 11.65 -7.57
C GLU A 58 -9.84 10.37 -6.78
N LEU A 59 -10.80 10.05 -5.91
CA LEU A 59 -10.77 8.85 -5.06
C LEU A 59 -11.82 7.87 -5.53
N ARG A 60 -11.58 6.59 -5.27
CA ARG A 60 -12.52 5.55 -5.69
C ARG A 60 -13.45 5.21 -4.55
N LEU A 61 -14.76 5.23 -4.84
CA LEU A 61 -15.84 4.91 -3.92
C LEU A 61 -16.57 3.69 -4.42
N ARG A 62 -16.62 2.64 -3.61
CA ARG A 62 -17.07 1.33 -4.07
C ARG A 62 -18.18 0.77 -3.19
N ASN A 63 -19.22 0.22 -3.84
CA ASN A 63 -20.18 -0.65 -3.20
C ASN A 63 -19.60 -2.05 -3.26
N ASN A 64 -19.08 -2.53 -2.15
CA ASN A 64 -18.46 -3.86 -2.14
C ASN A 64 -19.40 -4.98 -1.70
N GLY A 65 -20.69 -4.69 -1.65
CA GLY A 65 -21.67 -5.69 -1.22
C GLY A 65 -21.92 -5.72 0.27
N HIS A 66 -20.95 -5.32 1.08
CA HIS A 66 -21.13 -5.23 2.56
C HIS A 66 -20.94 -3.84 3.18
N SER A 67 -20.44 -2.87 2.41
CA SER A 67 -20.37 -1.50 2.84
C SER A 67 -20.18 -0.63 1.61
N VAL A 68 -20.15 0.68 1.84
CA VAL A 68 -19.64 1.64 0.84
C VAL A 68 -18.27 2.06 1.36
N GLN A 69 -17.24 1.88 0.54
CA GLN A 69 -15.86 2.11 0.96
C GLN A 69 -15.17 3.14 0.05
N LEU A 70 -14.52 4.12 0.68
CA LEU A 70 -13.77 5.14 -0.02
C LEU A 70 -12.30 4.79 0.19
N THR A 71 -11.59 4.62 -0.93
CA THR A 71 -10.15 4.37 -0.91
C THR A 71 -9.43 5.68 -0.72
N LEU A 72 -8.55 5.74 0.27
CA LEU A 72 -7.82 6.96 0.56
C LEU A 72 -6.46 6.95 -0.13
N PRO A 73 -5.97 8.11 -0.57
CA PRO A 73 -4.69 8.17 -1.26
C PRO A 73 -3.51 8.08 -0.31
N PRO A 74 -2.30 7.91 -0.84
CA PRO A 74 -1.14 8.03 0.04
C PRO A 74 -1.04 9.41 0.69
N GLY A 75 -0.39 9.44 1.84
CA GLY A 75 -0.01 10.68 2.51
C GLY A 75 -0.95 11.17 3.60
N LEU A 76 -1.87 10.32 4.08
CA LEU A 76 -2.78 10.68 5.17
C LEU A 76 -2.15 10.08 6.42
N GLU A 77 -1.59 10.94 7.27
CA GLU A 77 -0.88 10.48 8.47
C GLU A 77 -1.75 10.70 9.70
N MET A 78 -1.77 9.69 10.56
CA MET A 78 -2.51 9.73 11.79
C MET A 78 -1.61 9.25 12.91
N ALA A 79 -1.63 9.96 14.04
CA ALA A 79 -0.88 9.55 15.24
C ALA A 79 -1.81 9.39 16.41
N LEU A 80 -1.77 8.23 17.06
CA LEU A 80 -2.52 8.01 18.31
C LEU A 80 -1.84 8.63 19.52
N GLY A 81 -0.60 9.03 19.33
CA GLY A 81 0.21 9.63 20.35
C GLY A 81 1.62 9.64 19.84
N PRO A 82 2.55 10.24 20.62
CA PRO A 82 3.95 10.28 20.23
C PRO A 82 4.56 8.89 20.00
N GLY A 83 5.13 8.67 18.82
CA GLY A 83 5.63 7.35 18.45
C GLY A 83 4.60 6.27 18.09
N ARG A 84 3.33 6.64 17.90
CA ARG A 84 2.24 5.71 17.56
C ARG A 84 1.66 6.16 16.20
N GLU A 85 2.39 5.90 15.13
CA GLU A 85 2.10 6.52 13.84
C GLU A 85 1.57 5.58 12.80
N TYR A 86 0.59 6.08 12.07
CA TYR A 86 -0.23 5.31 11.13
C TYR A 86 -0.42 6.06 9.81
N ARG A 87 -0.80 5.32 8.77
CA ARG A 87 -1.24 5.88 7.49
C ARG A 87 -2.65 5.40 7.18
N ALA A 88 -3.51 6.29 6.73
CA ALA A 88 -4.89 5.94 6.43
C ALA A 88 -4.95 5.18 5.11
N LEU A 89 -5.75 4.13 5.08
CA LEU A 89 -5.96 3.28 3.89
C LEU A 89 -7.31 3.52 3.24
N GLN A 90 -8.36 3.60 4.05
CA GLN A 90 -9.71 3.61 3.53
C GLN A 90 -10.66 3.96 4.64
N LEU A 91 -11.87 4.35 4.25
CA LEU A 91 -12.96 4.51 5.21
C LEU A 91 -14.23 3.90 4.64
N HIS A 92 -15.13 3.48 5.54
CA HIS A 92 -16.40 2.93 5.14
C HIS A 92 -17.42 3.09 6.24
N LEU A 93 -18.64 2.68 5.97
CA LEU A 93 -19.77 2.92 6.84
C LEU A 93 -20.54 1.65 7.23
N HIS A 94 -21.16 1.70 8.42
CA HIS A 94 -22.11 0.68 8.84
C HIS A 94 -23.40 1.39 9.26
N TRP A 95 -24.53 0.81 8.88
CA TRP A 95 -25.81 1.47 9.05
C TRP A 95 -26.93 0.45 9.22
N GLY A 96 -28.13 0.96 9.50
CA GLY A 96 -29.27 0.09 9.81
C GLY A 96 -30.27 0.03 8.67
N ALA A 97 -31.50 0.47 8.97
CA ALA A 97 -32.59 0.48 8.01
C ALA A 97 -33.71 1.41 8.54
N ALA A 98 -34.79 1.56 7.80
CA ALA A 98 -35.89 2.46 8.20
C ALA A 98 -36.29 2.21 9.67
N GLY A 99 -36.11 3.24 10.50
CA GLY A 99 -36.37 3.16 11.93
C GLY A 99 -35.63 2.06 12.69
N ARG A 100 -34.43 1.69 12.21
CA ARG A 100 -33.59 0.70 12.91
C ARG A 100 -32.15 1.19 12.86
N PRO A 101 -31.53 1.41 14.01
CA PRO A 101 -30.15 1.89 14.00
C PRO A 101 -29.18 0.78 13.59
N GLY A 102 -28.00 1.15 13.15
CA GLY A 102 -27.02 0.16 12.71
C GLY A 102 -25.58 0.48 12.99
N SER A 103 -25.29 1.25 14.04
CA SER A 103 -23.90 1.37 14.51
C SER A 103 -23.37 0.00 14.97
N GLU A 104 -22.06 -0.18 14.92
CA GLU A 104 -21.41 -1.41 15.37
C GLU A 104 -21.20 -1.37 16.88
N HIS A 105 -20.51 -0.33 17.32
CA HIS A 105 -20.33 -0.07 18.74
C HIS A 105 -21.64 0.43 19.32
N THR A 106 -21.86 0.12 20.59
CA THR A 106 -22.99 0.67 21.36
C THR A 106 -22.43 1.35 22.60
N VAL A 107 -23.22 2.25 23.19
CA VAL A 107 -22.86 2.92 24.44
C VAL A 107 -24.01 2.66 25.43
N GLU A 108 -23.71 1.98 26.53
CA GLU A 108 -24.72 1.51 27.50
C GLU A 108 -25.92 0.86 26.79
N GLY A 109 -25.63 0.06 25.78
CA GLY A 109 -26.66 -0.62 25.03
C GLY A 109 -27.33 0.17 23.92
N HIS A 110 -27.12 1.48 23.88
CA HIS A 110 -27.69 2.34 22.84
C HIS A 110 -26.95 2.13 21.52
N ARG A 111 -27.70 1.73 20.50
CA ARG A 111 -27.17 1.65 19.13
C ARG A 111 -27.50 2.96 18.40
N PHE A 112 -26.50 3.51 17.71
CA PHE A 112 -26.64 4.78 17.01
C PHE A 112 -27.07 4.53 15.58
N PRO A 113 -27.63 5.55 14.89
CA PRO A 113 -28.09 5.30 13.52
C PRO A 113 -27.02 4.66 12.60
N ALA A 114 -25.80 5.19 12.63
CA ALA A 114 -24.74 4.67 11.77
C ALA A 114 -23.36 4.94 12.34
N GLU A 115 -22.33 4.41 11.69
CA GLU A 115 -20.97 4.53 12.16
C GLU A 115 -19.98 4.60 11.01
N ILE A 116 -18.99 5.46 11.15
CA ILE A 116 -17.89 5.56 10.22
C ILE A 116 -16.64 4.93 10.84
N HIS A 117 -15.92 4.18 10.00
CA HIS A 117 -14.60 3.66 10.34
C HIS A 117 -13.56 4.12 9.36
N VAL A 118 -12.47 4.68 9.86
CA VAL A 118 -11.32 5.09 9.04
C VAL A 118 -10.17 4.17 9.46
N VAL A 119 -9.74 3.32 8.53
CA VAL A 119 -8.82 2.21 8.81
C VAL A 119 -7.41 2.64 8.44
N HIS A 120 -6.47 2.37 9.33
CA HIS A 120 -5.09 2.79 9.22
C HIS A 120 -4.11 1.62 9.42
N LEU A 121 -2.96 1.75 8.77
CA LEU A 121 -1.86 0.81 8.81
C LEU A 121 -0.69 1.45 9.57
N SER A 122 -0.17 0.74 10.57
CA SER A 122 1.07 1.16 11.23
C SER A 122 2.19 1.40 10.22
N THR A 123 2.92 2.49 10.44
CA THR A 123 4.05 2.83 9.58
C THR A 123 5.17 1.79 9.66
N ALA A 124 5.11 0.86 10.61
CA ALA A 124 6.12 -0.20 10.68
C ALA A 124 5.91 -1.31 9.63
N PHE A 125 4.74 -1.34 8.99
CA PHE A 125 4.37 -2.37 8.00
C PHE A 125 4.10 -1.76 6.65
N ALA A 126 4.57 -2.42 5.59
CA ALA A 126 4.34 -1.96 4.23
C ALA A 126 2.97 -2.40 3.72
N ARG A 127 2.43 -3.50 4.24
CA ARG A 127 1.19 -4.05 3.74
C ARG A 127 0.28 -4.50 4.84
N VAL A 128 -1.03 -4.40 4.60
CA VAL A 128 -2.03 -4.82 5.58
C VAL A 128 -1.85 -6.27 6.00
N ASP A 129 -1.58 -7.16 5.06
CA ASP A 129 -1.52 -8.59 5.42
C ASP A 129 -0.34 -8.90 6.32
N GLU A 130 0.71 -8.09 6.32
CA GLU A 130 1.82 -8.28 7.27
C GLU A 130 1.46 -7.72 8.67
N ALA A 131 0.58 -6.73 8.70
CA ALA A 131 0.13 -6.10 9.94
C ALA A 131 -0.95 -6.92 10.65
N LEU A 132 -1.70 -7.74 9.92
CA LEU A 132 -2.83 -8.49 10.49
C LEU A 132 -2.46 -9.33 11.68
N GLY A 133 -3.21 -9.16 12.78
CA GLY A 133 -2.92 -9.89 13.98
C GLY A 133 -1.69 -9.46 14.77
N ARG A 134 -0.92 -8.47 14.29
CA ARG A 134 0.25 -8.00 15.03
C ARG A 134 -0.23 -6.86 15.96
N PRO A 135 0.36 -6.75 17.16
CA PRO A 135 -0.10 -5.75 18.13
C PRO A 135 -0.02 -4.32 17.60
N GLY A 136 -1.17 -3.67 17.54
CA GLY A 136 -1.20 -2.29 17.02
C GLY A 136 -0.87 -2.15 15.54
N GLY A 137 -0.87 -3.26 14.80
CA GLY A 137 -0.61 -3.22 13.38
C GLY A 137 -1.58 -2.38 12.60
N LEU A 138 -2.85 -2.49 12.96
CA LEU A 138 -3.95 -1.74 12.38
C LEU A 138 -4.63 -0.90 13.45
N ALA A 139 -5.04 0.32 13.07
CA ALA A 139 -5.81 1.20 13.96
C ALA A 139 -7.02 1.76 13.22
N VAL A 140 -8.17 1.75 13.87
CA VAL A 140 -9.41 2.23 13.28
C VAL A 140 -9.94 3.39 14.11
N LEU A 141 -10.25 4.51 13.46
CA LEU A 141 -11.01 5.62 14.11
C LEU A 141 -12.49 5.43 13.80
N ALA A 142 -13.31 5.49 14.85
CA ALA A 142 -14.72 5.25 14.74
C ALA A 142 -15.51 6.42 15.31
N ALA A 143 -16.57 6.81 14.58
CA ALA A 143 -17.49 7.85 15.05
C ALA A 143 -18.92 7.44 14.74
N PHE A 144 -19.81 7.71 15.67
CA PHE A 144 -21.24 7.51 15.47
C PHE A 144 -21.82 8.62 14.62
N LEU A 145 -22.79 8.27 13.79
CA LEU A 145 -23.52 9.24 12.97
C LEU A 145 -24.94 9.30 13.55
N GLU A 146 -25.38 10.50 13.90
CA GLU A 146 -26.71 10.78 14.42
C GLU A 146 -27.45 11.76 13.52
N GLU A 147 -28.75 11.90 13.75
CA GLU A 147 -29.55 12.85 13.05
C GLU A 147 -29.39 14.27 13.59
N GLY A 148 -29.04 15.19 12.70
CA GLY A 148 -29.07 16.63 12.96
C GLY A 148 -29.99 17.35 11.99
N PRO A 149 -30.22 18.65 12.21
CA PRO A 149 -31.14 19.45 11.38
C PRO A 149 -30.59 19.85 10.00
N GLU A 150 -29.27 19.90 9.86
CA GLU A 150 -28.66 20.38 8.63
C GLU A 150 -28.10 19.23 7.78
N GLU A 151 -28.01 19.49 6.49
CA GLU A 151 -27.34 18.60 5.57
C GLU A 151 -25.86 18.71 5.85
N ASN A 152 -25.20 17.56 6.05
CA ASN A 152 -23.76 17.54 6.25
C ASN A 152 -23.08 17.58 4.91
N SER A 153 -22.41 18.71 4.65
CA SER A 153 -21.83 18.96 3.34
C SER A 153 -20.67 18.01 2.96
N ALA A 154 -19.86 17.58 3.93
CA ALA A 154 -18.80 16.61 3.63
C ALA A 154 -19.42 15.26 3.28
N TYR A 155 -20.35 14.76 4.09
CA TYR A 155 -21.06 13.53 3.77
C TYR A 155 -21.86 13.56 2.48
N GLU A 156 -22.45 14.71 2.15
CA GLU A 156 -23.24 14.84 0.93
C GLU A 156 -22.42 14.52 -0.33
N GLN A 157 -21.13 14.78 -0.29
CA GLN A 157 -20.25 14.44 -1.40
C GLN A 157 -20.16 12.95 -1.70
N LEU A 158 -20.31 12.13 -0.67
CA LEU A 158 -20.34 10.68 -0.86
C LEU A 158 -21.76 10.20 -1.07
N LEU A 159 -22.67 10.72 -0.26
CA LEU A 159 -24.04 10.22 -0.27
C LEU A 159 -24.76 10.53 -1.58
N SER A 160 -24.45 11.66 -2.19
CA SER A 160 -25.02 12.05 -3.49
C SER A 160 -24.58 11.12 -4.64
N ARG A 161 -23.55 10.32 -4.42
CA ARG A 161 -23.04 9.38 -5.41
C ARG A 161 -23.49 7.93 -5.22
N LEU A 162 -24.22 7.62 -4.15
CA LEU A 162 -24.64 6.23 -3.92
C LEU A 162 -25.57 5.67 -5.00
N GLU A 163 -26.41 6.51 -5.61
CA GLU A 163 -27.31 6.03 -6.67
C GLU A 163 -26.49 5.42 -7.81
N GLU A 164 -25.38 6.09 -8.16
CA GLU A 164 -24.43 5.60 -9.18
C GLU A 164 -23.83 4.26 -8.85
N ILE A 165 -23.75 3.91 -7.56
CA ILE A 165 -23.15 2.64 -7.14
C ILE A 165 -24.13 1.74 -6.42
N ALA A 166 -25.39 1.81 -6.84
CA ALA A 166 -26.44 1.05 -6.21
C ALA A 166 -26.20 -0.46 -6.31
N GLU A 167 -25.74 -0.91 -7.48
CA GLU A 167 -25.47 -2.33 -7.73
C GLU A 167 -24.26 -2.83 -6.92
N GLU A 168 -24.39 -4.02 -6.33
CA GLU A 168 -23.27 -4.70 -5.68
C GLU A 168 -22.08 -4.75 -6.64
N GLY A 169 -20.90 -4.41 -6.15
CA GLY A 169 -19.69 -4.47 -6.96
C GLY A 169 -19.42 -3.28 -7.87
N SER A 170 -20.24 -2.24 -7.80
CA SER A 170 -20.03 -1.07 -8.61
C SER A 170 -19.18 -0.02 -7.89
N GLU A 171 -18.58 0.85 -8.67
CA GLU A 171 -17.75 1.92 -8.10
C GLU A 171 -17.84 3.18 -8.93
N THR A 172 -17.37 4.26 -8.34
CA THR A 172 -17.34 5.56 -9.00
C THR A 172 -16.16 6.36 -8.47
N GLN A 173 -15.79 7.42 -9.19
CA GLN A 173 -14.72 8.31 -8.78
C GLN A 173 -15.35 9.55 -8.16
N VAL A 174 -14.78 10.03 -7.06
CA VAL A 174 -15.21 11.27 -6.45
C VAL A 174 -14.03 12.22 -6.19
N PRO A 175 -14.25 13.53 -6.31
CA PRO A 175 -13.18 14.49 -5.99
C PRO A 175 -12.70 14.35 -4.55
N GLY A 176 -11.41 14.58 -4.32
CA GLY A 176 -10.88 14.69 -2.98
C GLY A 176 -11.61 15.77 -2.21
N LEU A 177 -11.68 15.56 -0.90
CA LEU A 177 -12.37 16.44 0.02
C LEU A 177 -11.59 16.44 1.33
N ASP A 178 -12.02 17.27 2.26
CA ASP A 178 -11.46 17.24 3.60
C ASP A 178 -11.98 15.98 4.31
N ILE A 179 -11.13 14.96 4.34
CA ILE A 179 -11.52 13.68 4.91
C ILE A 179 -11.81 13.85 6.40
N SER A 180 -11.09 14.75 7.06
CA SER A 180 -11.31 14.98 8.50
C SER A 180 -12.69 15.61 8.79
N ALA A 181 -13.35 16.19 7.78
CA ALA A 181 -14.72 16.71 7.93
C ALA A 181 -15.78 15.63 8.02
N LEU A 182 -15.42 14.37 7.77
CA LEU A 182 -16.32 13.23 8.01
C LEU A 182 -16.23 12.75 9.45
N LEU A 183 -15.27 13.29 10.20
CA LEU A 183 -15.09 12.97 11.62
C LEU A 183 -15.55 14.13 12.53
N PRO A 184 -15.80 13.84 13.82
CA PRO A 184 -16.10 14.93 14.78
C PRO A 184 -14.95 15.91 14.90
N SER A 185 -15.23 17.16 15.27
CA SER A 185 -14.16 18.13 15.47
C SER A 185 -13.45 17.88 16.81
N ASP A 186 -14.12 17.24 17.76
CA ASP A 186 -13.49 16.96 19.06
C ASP A 186 -12.60 15.68 18.98
N PHE A 187 -11.30 15.87 18.76
CA PHE A 187 -10.31 14.77 18.78
C PHE A 187 -9.71 14.47 20.16
N SER A 188 -10.21 15.12 21.22
CA SER A 188 -9.67 14.97 22.59
C SER A 188 -10.36 13.95 23.41
N ARG A 189 -11.64 13.70 23.15
CA ARG A 189 -12.44 12.84 24.00
C ARG A 189 -12.86 11.58 23.25
N TYR A 190 -12.38 10.44 23.73
CA TYR A 190 -12.58 9.19 23.03
C TYR A 190 -12.29 8.02 23.94
N PHE A 191 -12.89 6.88 23.57
CA PHE A 191 -12.63 5.61 24.19
C PHE A 191 -11.57 4.91 23.33
N GLN A 192 -10.78 4.03 23.96
CA GLN A 192 -9.79 3.28 23.22
C GLN A 192 -9.62 1.92 23.85
N TYR A 193 -9.68 0.89 23.00
CA TYR A 193 -9.51 -0.48 23.46
C TYR A 193 -8.86 -1.32 22.34
N GLU A 194 -8.33 -2.47 22.71
CA GLU A 194 -7.79 -3.38 21.71
C GLU A 194 -8.79 -4.47 21.34
N GLY A 195 -8.97 -4.68 20.04
CA GLY A 195 -9.90 -5.65 19.56
C GLY A 195 -9.55 -6.20 18.19
N SER A 196 -10.56 -6.32 17.35
CA SER A 196 -10.43 -7.01 16.07
C SER A 196 -11.06 -6.23 14.96
N LEU A 197 -10.81 -6.70 13.74
CA LEU A 197 -11.63 -6.30 12.61
C LEU A 197 -13.03 -6.89 12.84
N THR A 198 -14.06 -6.15 12.43
CA THR A 198 -15.44 -6.54 12.71
C THR A 198 -16.04 -7.37 11.61
N THR A 199 -15.24 -7.70 10.60
CA THR A 199 -15.67 -8.65 9.57
C THR A 199 -14.50 -9.58 9.36
N PRO A 200 -14.72 -10.71 8.67
CA PRO A 200 -13.58 -11.53 8.36
C PRO A 200 -12.51 -10.75 7.65
N PRO A 201 -11.24 -11.01 7.94
CA PRO A 201 -10.76 -12.14 8.75
C PRO A 201 -10.80 -11.96 10.29
N CYS A 202 -11.40 -10.87 10.79
CA CYS A 202 -11.55 -10.63 12.23
C CYS A 202 -10.24 -10.72 13.02
N ALA A 203 -9.12 -10.35 12.39
CA ALA A 203 -7.84 -10.43 13.04
C ALA A 203 -7.83 -9.52 14.27
N GLN A 204 -7.20 -9.99 15.33
CA GLN A 204 -7.01 -9.21 16.55
C GLN A 204 -5.77 -8.30 16.49
N GLY A 205 -5.49 -7.59 17.58
CA GLY A 205 -4.39 -6.65 17.62
C GLY A 205 -4.77 -5.27 17.09
N VAL A 206 -6.05 -5.04 16.84
CA VAL A 206 -6.50 -3.77 16.24
C VAL A 206 -6.75 -2.77 17.38
N ILE A 207 -6.20 -1.57 17.27
CA ILE A 207 -6.47 -0.49 18.23
C ILE A 207 -7.69 0.31 17.74
N TRP A 208 -8.76 0.23 18.53
CA TRP A 208 -10.00 0.93 18.26
C TRP A 208 -10.04 2.22 19.07
N THR A 209 -10.36 3.32 18.40
CA THR A 209 -10.52 4.62 19.03
C THR A 209 -11.94 5.09 18.64
N VAL A 210 -12.80 5.35 19.64
CA VAL A 210 -14.20 5.65 19.39
C VAL A 210 -14.46 7.02 20.00
N PHE A 211 -14.80 8.00 19.15
CA PHE A 211 -15.00 9.40 19.59
C PHE A 211 -16.21 9.54 20.52
N ASN A 212 -16.06 10.39 21.53
CA ASN A 212 -17.16 10.82 22.43
C ASN A 212 -18.19 11.59 21.57
N GLN A 213 -17.71 12.57 20.84
CA GLN A 213 -18.59 13.41 20.02
C GLN A 213 -19.07 12.65 18.76
N THR A 214 -20.35 12.84 18.42
CA THR A 214 -20.94 12.25 17.24
C THR A 214 -20.92 13.21 16.05
N VAL A 215 -21.14 12.67 14.85
CA VAL A 215 -21.26 13.44 13.64
C VAL A 215 -22.76 13.53 13.26
N MET A 216 -23.18 14.71 12.81
CA MET A 216 -24.59 14.98 12.46
C MET A 216 -24.87 14.88 10.96
N LEU A 217 -25.80 14.00 10.59
CA LEU A 217 -26.33 13.93 9.22
C LEU A 217 -27.82 14.25 9.25
N SER A 218 -28.36 14.75 8.15
CA SER A 218 -29.81 14.97 8.05
C SER A 218 -30.56 13.65 7.97
N ALA A 219 -31.85 13.69 8.30
CA ALA A 219 -32.72 12.53 8.14
C ALA A 219 -32.65 12.00 6.69
N LYS A 220 -32.68 12.90 5.73
CA LYS A 220 -32.66 12.53 4.32
C LYS A 220 -31.37 11.81 4.00
N GLN A 221 -30.26 12.33 4.51
CA GLN A 221 -28.94 11.70 4.33
C GLN A 221 -28.87 10.31 4.93
N LEU A 222 -29.41 10.13 6.14
CA LEU A 222 -29.40 8.83 6.78
C LEU A 222 -30.26 7.84 5.97
N HIS A 223 -31.39 8.32 5.47
CA HIS A 223 -32.25 7.50 4.60
C HIS A 223 -31.55 7.11 3.29
N THR A 224 -30.88 8.08 2.66
CA THR A 224 -30.11 7.80 1.45
C THR A 224 -29.09 6.68 1.68
N LEU A 225 -28.34 6.78 2.79
CA LEU A 225 -27.34 5.75 3.15
C LEU A 225 -27.92 4.35 3.27
N SER A 226 -29.07 4.25 3.93
CA SER A 226 -29.65 2.95 4.20
C SER A 226 -30.60 2.40 3.11
N ASP A 227 -31.08 3.25 2.19
CA ASP A 227 -32.11 2.82 1.22
CA ASP A 227 -32.14 2.87 1.22
C ASP A 227 -31.64 2.83 -0.23
N THR A 228 -30.35 3.07 -0.47
CA THR A 228 -29.86 3.21 -1.83
C THR A 228 -29.08 2.00 -2.34
N LEU A 229 -28.28 1.36 -1.51
CA LEU A 229 -27.36 0.34 -1.99
C LEU A 229 -27.95 -1.06 -1.89
N TRP A 230 -27.53 -1.92 -2.84
CA TRP A 230 -27.93 -3.33 -2.90
C TRP A 230 -26.73 -4.22 -2.67
N GLY A 231 -26.95 -5.34 -1.99
CA GLY A 231 -25.89 -6.24 -1.60
C GLY A 231 -26.05 -7.59 -2.25
N PRO A 232 -25.52 -8.66 -1.63
CA PRO A 232 -25.58 -10.03 -2.16
C PRO A 232 -26.96 -10.43 -2.66
N GLY A 233 -27.02 -11.04 -3.84
CA GLY A 233 -28.28 -11.51 -4.41
C GLY A 233 -29.18 -10.36 -4.82
N ASP A 234 -30.46 -10.45 -4.46
CA ASP A 234 -31.43 -9.39 -4.73
C ASP A 234 -31.80 -8.63 -3.44
N SER A 235 -30.83 -8.45 -2.52
CA SER A 235 -31.09 -7.88 -1.19
C SER A 235 -30.58 -6.45 -1.04
N ARG A 236 -31.31 -5.64 -0.28
CA ARG A 236 -30.85 -4.30 0.09
C ARG A 236 -29.64 -4.40 1.03
N LEU A 237 -28.68 -3.48 0.86
CA LEU A 237 -27.52 -3.45 1.72
C LEU A 237 -27.90 -2.61 2.93
N GLN A 238 -28.25 -3.29 4.02
CA GLN A 238 -28.83 -2.70 5.22
C GLN A 238 -28.40 -3.52 6.40
N LEU A 239 -28.45 -2.92 7.60
CA LEU A 239 -28.15 -3.62 8.86
C LEU A 239 -26.80 -4.34 8.76
N ASN A 240 -25.82 -3.68 8.13
CA ASN A 240 -24.52 -4.27 7.89
C ASN A 240 -23.58 -4.02 9.08
N PHE A 241 -23.96 -4.54 10.24
CA PHE A 241 -23.19 -4.46 11.47
C PHE A 241 -23.13 -5.84 12.15
N ARG A 242 -22.04 -6.05 12.87
CA ARG A 242 -21.83 -7.27 13.66
C ARG A 242 -22.37 -7.03 15.07
N ALA A 243 -22.99 -8.05 15.65
CA ALA A 243 -23.41 -8.02 17.07
C ALA A 243 -22.24 -7.68 17.99
N THR A 244 -22.53 -6.99 19.09
CA THR A 244 -21.49 -6.63 20.03
C THR A 244 -20.90 -7.90 20.67
N GLN A 245 -19.60 -7.83 20.94
CA GLN A 245 -18.81 -8.95 21.40
C GLN A 245 -18.42 -8.66 22.84
N PRO A 246 -18.39 -9.70 23.70
CA PRO A 246 -18.07 -9.44 25.11
C PRO A 246 -16.66 -8.92 25.29
N LEU A 247 -16.46 -7.97 26.20
CA LEU A 247 -15.11 -7.50 26.49
C LEU A 247 -14.16 -8.62 27.00
N ASN A 248 -14.73 -9.61 27.70
CA ASN A 248 -13.96 -10.78 28.15
C ASN A 248 -12.73 -10.46 28.96
N GLY A 249 -12.87 -9.45 29.82
CA GLY A 249 -11.81 -9.01 30.71
C GLY A 249 -11.06 -7.78 30.29
N ARG A 250 -11.15 -7.42 29.01
CA ARG A 250 -10.55 -6.19 28.55
C ARG A 250 -11.21 -5.00 29.24
N VAL A 251 -10.41 -3.98 29.48
CA VAL A 251 -10.86 -2.74 30.03
C VAL A 251 -10.72 -1.67 28.95
N ILE A 252 -11.84 -1.02 28.62
CA ILE A 252 -11.84 0.14 27.70
C ILE A 252 -11.23 1.32 28.41
N GLU A 253 -10.30 2.02 27.76
CA GLU A 253 -9.75 3.25 28.29
C GLU A 253 -10.54 4.45 27.75
N ALA A 254 -10.54 5.52 28.53
CA ALA A 254 -11.19 6.76 28.15
C ALA A 254 -10.15 7.82 28.34
N SER A 255 -10.08 8.75 27.40
CA SER A 255 -9.21 9.88 27.52
C SER A 255 -9.81 10.95 28.49
N PHE A 256 -10.92 10.67 29.18
CA PHE A 256 -11.53 11.66 30.08
C PHE A 256 -12.11 11.00 31.32
N PRO A 257 -12.16 11.76 32.44
CA PRO A 257 -12.78 11.28 33.70
C PRO A 257 -14.29 10.99 33.62
N TRP B 7 30.45 -2.40 18.29
CA TRP B 7 30.20 -1.17 19.14
C TRP B 7 30.73 -1.40 20.55
N ARG B 8 30.81 -0.32 21.31
CA ARG B 8 31.40 -0.31 22.64
C ARG B 8 30.68 0.69 23.52
N TYR B 9 30.73 0.46 24.83
CA TYR B 9 30.30 1.47 25.81
C TYR B 9 31.35 2.57 25.95
N GLY B 10 30.88 3.80 26.16
CA GLY B 10 31.76 4.98 26.24
C GLY B 10 32.57 5.23 24.97
N GLY B 11 32.02 4.83 23.82
CA GLY B 11 32.72 4.97 22.54
C GLY B 11 32.64 6.40 22.04
N ASP B 12 33.68 6.81 21.31
CA ASP B 12 33.68 8.06 20.57
C ASP B 12 34.34 7.73 19.22
N PRO B 13 33.61 7.77 18.10
CA PRO B 13 32.28 8.41 17.96
C PRO B 13 31.11 7.68 18.65
N PRO B 14 30.07 8.45 19.03
CA PRO B 14 28.91 7.81 19.64
C PRO B 14 28.15 6.91 18.64
N TRP B 15 27.19 6.18 19.17
CA TRP B 15 26.51 5.11 18.42
C TRP B 15 25.79 5.54 17.12
N PRO B 16 25.16 6.74 17.09
CA PRO B 16 24.43 7.15 15.89
C PRO B 16 25.21 7.08 14.59
N ARG B 17 26.52 7.30 14.63
CA ARG B 17 27.36 7.22 13.43
C ARG B 17 27.31 5.86 12.77
N VAL B 18 27.38 4.81 13.57
CA VAL B 18 27.35 3.44 13.08
C VAL B 18 25.93 2.85 13.04
N SER B 19 25.04 3.32 13.92
CA SER B 19 23.66 2.82 14.01
C SER B 19 22.70 4.02 14.11
N PRO B 20 22.31 4.61 12.95
CA PRO B 20 21.49 5.83 12.96
C PRO B 20 20.19 5.76 13.73
N ALA B 21 19.62 4.56 13.90
CA ALA B 21 18.44 4.36 14.73
C ALA B 21 18.64 4.81 16.19
N CYS B 22 19.88 4.80 16.65
CA CYS B 22 20.20 5.26 18.01
C CYS B 22 19.92 6.75 18.22
N ALA B 23 19.77 7.51 17.13
CA ALA B 23 19.31 8.89 17.21
C ALA B 23 17.83 9.07 16.89
N GLY B 24 17.02 8.02 16.98
CA GLY B 24 15.56 8.16 16.87
C GLY B 24 14.99 8.98 18.03
N ARG B 25 13.72 9.38 17.91
CA ARG B 25 13.10 10.26 18.90
C ARG B 25 12.64 9.56 20.17
N PHE B 26 12.49 8.22 20.12
CA PHE B 26 11.81 7.46 21.16
C PHE B 26 12.67 6.31 21.65
N GLN B 27 13.77 6.70 22.28
CA GLN B 27 14.81 5.82 22.76
C GLN B 27 14.69 5.50 24.26
N SER B 28 15.47 4.51 24.69
CA SER B 28 15.50 4.02 26.06
C SER B 28 16.97 3.98 26.45
N PRO B 29 17.32 4.03 27.74
CA PRO B 29 16.41 4.16 28.86
C PRO B 29 16.03 5.63 29.09
N VAL B 30 15.15 5.85 30.06
CA VAL B 30 14.61 7.17 30.43
C VAL B 30 14.56 7.35 31.97
N ASP B 31 14.42 8.61 32.41
CA ASP B 31 14.21 8.90 33.83
C ASP B 31 12.74 8.85 34.17
N ILE B 32 12.38 8.07 35.18
CA ILE B 32 11.01 7.87 35.59
C ILE B 32 10.76 8.92 36.68
N ARG B 33 9.72 9.73 36.49
CA ARG B 33 9.25 10.72 37.49
C ARG B 33 7.89 10.35 37.90
N PRO B 34 7.76 9.60 39.01
CA PRO B 34 6.47 9.04 39.35
C PRO B 34 5.32 10.01 39.50
N GLN B 35 5.59 11.23 39.95
CA GLN B 35 4.49 12.20 40.07
C GLN B 35 3.93 12.61 38.71
N LEU B 36 4.73 12.44 37.65
CA LEU B 36 4.31 12.73 36.28
C LEU B 36 3.82 11.51 35.51
N ALA B 37 3.82 10.33 36.13
CA ALA B 37 3.33 9.16 35.47
C ALA B 37 1.82 9.25 35.43
N ALA B 38 1.26 8.77 34.33
CA ALA B 38 -0.16 8.62 34.16
C ALA B 38 -0.64 7.29 34.74
N PHE B 39 -1.44 7.35 35.81
CA PHE B 39 -2.08 6.18 36.36
C PHE B 39 -3.15 5.69 35.40
N SER B 40 -3.06 4.43 35.02
CA SER B 40 -4.13 3.81 34.22
CA SER B 40 -4.05 3.80 34.16
C SER B 40 -4.56 2.53 34.85
N PRO B 41 -5.80 2.53 35.40
CA PRO B 41 -6.31 1.28 35.95
C PRO B 41 -6.47 0.13 34.97
N ALA B 42 -6.32 0.41 33.67
CA ALA B 42 -6.28 -0.64 32.66
C ALA B 42 -5.05 -1.55 32.75
N LEU B 43 -3.93 -1.04 33.27
CA LEU B 43 -2.70 -1.83 33.44
C LEU B 43 -2.90 -2.92 34.50
N ARG B 44 -3.11 -4.16 34.09
CA ARG B 44 -3.36 -5.28 35.02
C ARG B 44 -2.04 -5.93 35.53
N PRO B 45 -2.12 -6.78 36.57
CA PRO B 45 -0.89 -7.40 37.06
C PRO B 45 -0.19 -8.22 35.97
N LEU B 46 1.13 -8.22 35.96
CA LEU B 46 1.87 -9.01 34.97
C LEU B 46 1.62 -10.49 35.23
N GLU B 47 1.49 -11.30 34.20
CA GLU B 47 1.36 -12.75 34.38
C GLU B 47 2.59 -13.40 33.76
N LEU B 48 3.34 -14.16 34.56
CA LEU B 48 4.53 -14.87 34.12
C LEU B 48 4.40 -16.35 34.49
N LEU B 49 4.14 -17.21 33.50
CA LEU B 49 3.98 -18.65 33.72
C LEU B 49 5.12 -19.42 33.07
N GLY B 50 5.46 -20.59 33.65
CA GLY B 50 6.56 -21.40 33.14
C GLY B 50 7.95 -20.94 33.52
N PHE B 51 8.08 -19.97 34.42
CA PHE B 51 9.38 -19.44 34.79
C PHE B 51 10.17 -20.27 35.83
N GLN B 52 9.49 -21.17 36.52
CA GLN B 52 10.07 -21.96 37.61
C GLN B 52 10.74 -23.20 37.00
N LEU B 53 11.97 -23.02 36.54
CA LEU B 53 12.63 -24.09 35.77
C LEU B 53 13.23 -25.16 36.69
N PRO B 54 13.18 -26.42 36.23
CA PRO B 54 13.78 -27.51 37.01
C PRO B 54 15.32 -27.49 36.88
N PRO B 55 16.03 -28.25 37.72
CA PRO B 55 17.51 -28.18 37.61
C PRO B 55 18.10 -28.65 36.25
N LEU B 56 17.40 -29.53 35.55
CA LEU B 56 17.79 -29.94 34.20
C LEU B 56 16.63 -29.75 33.24
N PRO B 57 16.87 -29.34 31.99
CA PRO B 57 18.20 -29.12 31.42
C PRO B 57 18.89 -27.85 31.91
N GLU B 58 20.19 -27.80 31.67
CA GLU B 58 21.00 -26.67 32.05
C GLU B 58 20.76 -25.52 31.06
N LEU B 59 21.19 -24.32 31.46
CA LEU B 59 21.04 -23.10 30.65
C LEU B 59 22.40 -22.51 30.29
N ARG B 60 22.50 -21.94 29.10
CA ARG B 60 23.72 -21.27 28.65
C ARG B 60 23.84 -19.89 29.31
N LEU B 61 24.98 -19.64 29.97
CA LEU B 61 25.34 -18.33 30.53
C LEU B 61 26.59 -17.87 29.82
N ARG B 62 26.55 -16.67 29.24
CA ARG B 62 27.61 -16.22 28.34
C ARG B 62 28.06 -14.81 28.66
N ASN B 63 29.38 -14.59 28.67
CA ASN B 63 29.95 -13.27 28.68
C ASN B 63 30.10 -12.90 27.22
N ASN B 64 29.25 -11.99 26.75
CA ASN B 64 29.29 -11.55 25.36
C ASN B 64 30.07 -10.24 25.22
N GLY B 65 30.72 -9.80 26.30
CA GLY B 65 31.52 -8.57 26.25
C GLY B 65 30.78 -7.29 26.59
N HIS B 66 29.46 -7.26 26.39
CA HIS B 66 28.61 -6.13 26.77
C HIS B 66 27.78 -6.41 28.01
N SER B 67 27.66 -7.69 28.38
CA SER B 67 26.87 -8.14 29.51
C SER B 67 27.14 -9.63 29.77
N VAL B 68 26.51 -10.14 30.81
CA VAL B 68 26.36 -11.58 30.99
C VAL B 68 24.90 -11.89 30.65
N GLN B 69 24.73 -12.85 29.73
CA GLN B 69 23.43 -13.22 29.21
C GLN B 69 23.12 -14.69 29.46
N LEU B 70 21.91 -14.92 29.97
CA LEU B 70 21.38 -16.25 30.21
C LEU B 70 20.33 -16.56 29.16
N THR B 71 20.55 -17.61 28.40
CA THR B 71 19.59 -18.07 27.44
C THR B 71 18.45 -18.82 28.12
N LEU B 72 17.24 -18.41 27.81
CA LEU B 72 16.07 -19.04 28.37
C LEU B 72 15.48 -20.03 27.41
N PRO B 73 14.92 -21.13 27.94
CA PRO B 73 14.32 -22.16 27.10
C PRO B 73 12.91 -21.75 26.62
N PRO B 74 12.33 -22.52 25.68
CA PRO B 74 10.92 -22.33 25.38
C PRO B 74 10.03 -22.53 26.62
N GLY B 75 8.88 -21.88 26.61
CA GLY B 75 7.80 -22.15 27.53
C GLY B 75 7.63 -21.13 28.67
N LEU B 76 8.39 -20.05 28.62
CA LEU B 76 8.26 -18.97 29.61
C LEU B 76 7.31 -17.96 28.99
N GLU B 77 6.04 -18.05 29.38
CA GLU B 77 4.96 -17.22 28.82
C GLU B 77 4.69 -16.03 29.73
N MET B 78 4.49 -14.88 29.10
CA MET B 78 4.28 -13.62 29.83
C MET B 78 3.20 -12.83 29.11
N ALA B 79 2.30 -12.22 29.87
CA ALA B 79 1.23 -11.37 29.31
C ALA B 79 1.27 -9.97 29.92
N LEU B 80 1.20 -8.94 29.07
CA LEU B 80 1.10 -7.56 29.48
C LEU B 80 -0.37 -7.14 29.63
N GLY B 81 -1.26 -7.92 29.04
CA GLY B 81 -2.70 -7.71 29.15
C GLY B 81 -3.44 -8.82 28.47
N PRO B 82 -4.78 -8.74 28.45
CA PRO B 82 -5.59 -9.84 27.92
C PRO B 82 -5.25 -10.14 26.46
N GLY B 83 -4.79 -11.37 26.20
CA GLY B 83 -4.40 -11.76 24.85
C GLY B 83 -3.14 -11.10 24.27
N ARG B 84 -2.38 -10.37 25.08
CA ARG B 84 -1.16 -9.69 24.65
C ARG B 84 0.06 -10.42 25.21
N GLU B 85 0.43 -11.50 24.51
CA GLU B 85 1.36 -12.48 25.06
C GLU B 85 2.71 -12.48 24.38
N TYR B 86 3.67 -12.95 25.16
CA TYR B 86 5.08 -12.86 24.91
C TYR B 86 5.74 -14.18 25.34
N ARG B 87 6.93 -14.47 24.82
CA ARG B 87 7.74 -15.59 25.31
C ARG B 87 9.11 -15.03 25.60
N ALA B 88 9.66 -15.40 26.75
CA ALA B 88 10.96 -14.92 27.20
C ALA B 88 12.09 -15.59 26.42
N LEU B 89 13.06 -14.80 25.96
CA LEU B 89 14.19 -15.30 25.16
C LEU B 89 15.45 -15.43 25.96
N GLN B 90 15.75 -14.41 26.77
CA GLN B 90 17.00 -14.28 27.48
C GLN B 90 16.87 -13.22 28.58
N LEU B 91 17.81 -13.25 29.51
CA LEU B 91 17.97 -12.15 30.46
C LEU B 91 19.42 -11.78 30.58
N HIS B 92 19.68 -10.53 30.94
CA HIS B 92 21.04 -10.07 31.11
C HIS B 92 21.01 -8.86 32.06
N LEU B 93 22.18 -8.34 32.38
CA LEU B 93 22.29 -7.34 33.45
C LEU B 93 23.11 -6.15 33.00
N HIS B 94 22.86 -5.05 33.70
CA HIS B 94 23.60 -3.81 33.54
C HIS B 94 24.05 -3.37 34.91
N TRP B 95 25.31 -2.97 35.03
CA TRP B 95 25.90 -2.65 36.32
C TRP B 95 26.99 -1.59 36.20
N GLY B 96 27.50 -1.15 37.35
CA GLY B 96 28.42 -0.02 37.40
C GLY B 96 29.85 -0.46 37.62
N ALA B 97 30.47 0.07 38.68
CA ALA B 97 31.87 -0.22 38.99
C ALA B 97 32.04 -0.05 40.48
N ALA B 98 33.27 -0.24 40.96
CA ALA B 98 33.62 -0.06 42.37
C ALA B 98 32.86 1.09 43.03
N GLY B 99 31.72 0.76 43.65
CA GLY B 99 30.89 1.76 44.33
C GLY B 99 29.89 2.51 43.46
N ARG B 100 30.26 2.81 42.21
CA ARG B 100 29.45 3.67 41.33
C ARG B 100 28.29 2.87 40.72
N PRO B 101 27.05 3.43 40.73
CA PRO B 101 25.87 2.66 40.29
C PRO B 101 25.81 2.52 38.77
N GLY B 102 25.04 1.55 38.28
CA GLY B 102 24.97 1.30 36.84
C GLY B 102 23.65 0.82 36.26
N SER B 103 22.53 1.16 36.89
CA SER B 103 21.24 0.91 36.27
C SER B 103 21.11 1.79 35.02
N GLU B 104 20.17 1.39 34.14
CA GLU B 104 19.89 2.08 32.88
C GLU B 104 18.80 3.10 33.10
N HIS B 105 17.63 2.66 33.58
CA HIS B 105 16.58 3.57 33.99
C HIS B 105 17.02 4.26 35.30
N THR B 106 16.41 5.42 35.56
CA THR B 106 16.60 6.17 36.80
C THR B 106 15.24 6.57 37.31
N VAL B 107 15.14 6.86 38.61
CA VAL B 107 13.91 7.31 39.23
C VAL B 107 14.23 8.64 39.88
N GLU B 108 13.50 9.67 39.46
CA GLU B 108 13.75 11.06 39.87
C GLU B 108 15.22 11.34 39.95
N GLY B 109 15.97 10.86 38.96
CA GLY B 109 17.41 11.07 38.86
C GLY B 109 18.30 10.06 39.59
N HIS B 110 17.74 9.23 40.48
CA HIS B 110 18.57 8.24 41.21
C HIS B 110 18.92 7.06 40.28
N ARG B 111 20.22 6.83 40.10
CA ARG B 111 20.74 5.61 39.48
C ARG B 111 20.96 4.50 40.52
N PHE B 112 20.41 3.32 40.24
CA PHE B 112 20.48 2.17 41.14
C PHE B 112 21.75 1.36 40.86
N PRO B 113 22.19 0.51 41.81
CA PRO B 113 23.43 -0.23 41.57
C PRO B 113 23.46 -1.04 40.26
N ALA B 114 22.35 -1.66 39.92
CA ALA B 114 22.29 -2.50 38.72
C ALA B 114 20.85 -2.71 38.29
N GLU B 115 20.68 -3.32 37.12
CA GLU B 115 19.35 -3.53 36.55
C GLU B 115 19.37 -4.85 35.79
N ILE B 116 18.28 -5.58 35.89
CA ILE B 116 18.07 -6.84 35.16
C ILE B 116 17.03 -6.60 34.07
N HIS B 117 17.30 -7.17 32.89
CA HIS B 117 16.39 -7.14 31.77
C HIS B 117 16.06 -8.54 31.33
N VAL B 118 14.77 -8.84 31.28
CA VAL B 118 14.25 -10.08 30.74
C VAL B 118 13.54 -9.73 29.44
N VAL B 119 14.15 -10.16 28.34
CA VAL B 119 13.73 -9.79 27.01
C VAL B 119 12.75 -10.83 26.43
N HIS B 120 11.62 -10.36 25.91
CA HIS B 120 10.58 -11.21 25.40
C HIS B 120 10.20 -10.88 23.96
N LEU B 121 9.70 -11.89 23.26
CA LEU B 121 9.25 -11.76 21.88
C LEU B 121 7.73 -11.98 21.87
N SER B 122 7.02 -11.06 21.22
CA SER B 122 5.58 -11.21 21.01
C SER B 122 5.27 -12.49 20.28
N THR B 123 4.25 -13.19 20.74
CA THR B 123 3.81 -14.42 20.10
C THR B 123 3.27 -14.18 18.69
N ALA B 124 2.96 -12.91 18.34
CA ALA B 124 2.59 -12.56 16.96
C ALA B 124 3.74 -12.59 15.97
N PHE B 125 4.98 -12.72 16.45
CA PHE B 125 6.15 -12.75 15.58
C PHE B 125 6.94 -14.04 15.80
N ALA B 126 7.33 -14.71 14.71
CA ALA B 126 8.07 -15.99 14.82
C ALA B 126 9.53 -15.75 15.14
N ARG B 127 10.06 -14.60 14.71
CA ARG B 127 11.45 -14.28 14.84
C ARG B 127 11.64 -12.88 15.42
N VAL B 128 12.76 -12.71 16.14
CA VAL B 128 13.18 -11.41 16.65
C VAL B 128 13.37 -10.42 15.51
N ASP B 129 13.98 -10.84 14.39
CA ASP B 129 14.23 -9.89 13.31
C ASP B 129 12.97 -9.30 12.67
N GLU B 130 11.85 -10.02 12.70
CA GLU B 130 10.53 -9.48 12.30
C GLU B 130 9.96 -8.50 13.31
N ALA B 131 10.22 -8.77 14.59
CA ALA B 131 9.73 -7.94 15.70
C ALA B 131 10.48 -6.59 15.83
N LEU B 132 11.75 -6.54 15.42
CA LEU B 132 12.58 -5.35 15.58
C LEU B 132 11.95 -4.19 14.84
N GLY B 133 11.71 -3.09 15.56
CA GLY B 133 11.13 -1.89 14.96
C GLY B 133 9.60 -1.91 14.87
N ARG B 134 8.96 -3.02 15.18
CA ARG B 134 7.50 -3.11 15.11
C ARG B 134 6.92 -2.83 16.52
N PRO B 135 5.81 -2.10 16.61
CA PRO B 135 5.29 -1.72 17.93
C PRO B 135 4.86 -2.93 18.77
N GLY B 136 5.42 -3.03 19.97
CA GLY B 136 5.17 -4.16 20.84
C GLY B 136 5.75 -5.50 20.39
N GLY B 137 6.64 -5.50 19.38
CA GLY B 137 7.25 -6.74 18.93
C GLY B 137 8.08 -7.39 20.00
N LEU B 138 8.87 -6.56 20.69
CA LEU B 138 9.67 -6.96 21.83
C LEU B 138 9.16 -6.26 23.09
N ALA B 139 9.18 -7.00 24.19
CA ALA B 139 8.84 -6.46 25.51
C ALA B 139 9.94 -6.83 26.47
N VAL B 140 10.44 -5.84 27.22
CA VAL B 140 11.47 -6.11 28.23
C VAL B 140 10.91 -5.84 29.63
N LEU B 141 11.08 -6.78 30.56
CA LEU B 141 10.81 -6.53 32.00
C LEU B 141 12.10 -6.08 32.62
N ALA B 142 12.07 -4.95 33.34
CA ALA B 142 13.25 -4.36 33.93
C ALA B 142 13.04 -4.20 35.43
N ALA B 143 14.05 -4.55 36.20
CA ALA B 143 13.99 -4.39 37.66
C ALA B 143 15.31 -3.88 38.19
N PHE B 144 15.22 -2.95 39.13
CA PHE B 144 16.38 -2.38 39.77
C PHE B 144 16.90 -3.35 40.84
N LEU B 145 18.22 -3.45 40.89
CA LEU B 145 18.94 -4.21 41.92
C LEU B 145 19.60 -3.21 42.89
N GLU B 146 19.23 -3.31 44.17
CA GLU B 146 19.76 -2.42 45.24
C GLU B 146 20.61 -3.21 46.23
N GLU B 147 21.37 -2.47 47.04
CA GLU B 147 22.12 -3.06 48.15
C GLU B 147 21.20 -3.29 49.37
N GLY B 148 21.25 -4.51 49.90
CA GLY B 148 20.53 -4.89 51.11
C GLY B 148 21.47 -5.71 52.01
N PRO B 149 21.04 -5.99 53.24
CA PRO B 149 21.95 -6.67 54.17
C PRO B 149 22.19 -8.15 53.84
N GLU B 150 21.20 -8.82 53.24
CA GLU B 150 21.26 -10.27 53.03
C GLU B 150 21.80 -10.69 51.68
N GLU B 151 22.36 -11.89 51.66
CA GLU B 151 22.72 -12.56 50.42
C GLU B 151 21.44 -12.98 49.68
N ASN B 152 21.36 -12.59 48.40
CA ASN B 152 20.22 -12.94 47.56
C ASN B 152 20.38 -14.34 46.97
N SER B 153 19.49 -15.26 47.33
CA SER B 153 19.64 -16.65 46.90
C SER B 153 19.55 -16.79 45.37
N ALA B 154 18.55 -16.15 44.77
CA ALA B 154 18.32 -16.24 43.33
C ALA B 154 19.52 -15.78 42.50
N TYR B 155 20.01 -14.58 42.80
CA TYR B 155 21.16 -14.03 42.08
C TYR B 155 22.49 -14.75 42.33
N GLU B 156 22.63 -15.36 43.51
CA GLU B 156 23.82 -16.18 43.82
C GLU B 156 24.08 -17.27 42.78
N GLN B 157 23.02 -17.88 42.25
CA GLN B 157 23.16 -18.85 41.16
C GLN B 157 23.85 -18.30 39.92
N LEU B 158 23.60 -17.04 39.61
CA LEU B 158 24.26 -16.41 38.49
C LEU B 158 25.63 -15.89 38.89
N LEU B 159 25.69 -15.16 40.00
CA LEU B 159 26.95 -14.49 40.40
C LEU B 159 28.09 -15.47 40.69
N SER B 160 27.77 -16.62 41.28
CA SER B 160 28.77 -17.65 41.60
C SER B 160 29.41 -18.31 40.37
N ARG B 161 28.80 -18.13 39.20
CA ARG B 161 29.30 -18.74 37.97
C ARG B 161 30.08 -17.77 37.10
N LEU B 162 30.15 -16.50 37.51
CA LEU B 162 30.82 -15.49 36.68
C LEU B 162 32.31 -15.74 36.53
N GLU B 163 32.94 -16.31 37.55
CA GLU B 163 34.36 -16.62 37.47
C GLU B 163 34.66 -17.60 36.33
N GLU B 164 33.73 -18.52 36.07
CA GLU B 164 33.83 -19.47 34.96
C GLU B 164 33.86 -18.79 33.59
N ILE B 165 33.29 -17.59 33.49
CA ILE B 165 33.16 -16.89 32.20
C ILE B 165 33.76 -15.46 32.23
N ALA B 166 34.83 -15.29 33.00
CA ALA B 166 35.46 -13.96 33.14
C ALA B 166 35.98 -13.40 31.82
N GLU B 167 36.49 -14.26 30.93
CA GLU B 167 37.01 -13.83 29.63
C GLU B 167 35.87 -13.49 28.67
N GLU B 168 35.97 -12.34 28.03
CA GLU B 168 35.04 -11.95 26.95
C GLU B 168 34.85 -13.14 26.00
N GLY B 169 33.60 -13.46 25.69
CA GLY B 169 33.29 -14.51 24.72
C GLY B 169 33.20 -15.92 25.28
N SER B 170 33.45 -16.11 26.56
CA SER B 170 33.36 -17.44 27.16
C SER B 170 31.95 -17.69 27.62
N GLU B 171 31.64 -18.96 27.83
CA GLU B 171 30.30 -19.37 28.25
C GLU B 171 30.39 -20.62 29.09
N THR B 172 29.34 -20.87 29.85
CA THR B 172 29.24 -22.06 30.67
C THR B 172 27.78 -22.49 30.74
N GLN B 173 27.56 -23.73 31.13
CA GLN B 173 26.22 -24.26 31.33
C GLN B 173 25.95 -24.22 32.82
N VAL B 174 24.77 -23.73 33.23
CA VAL B 174 24.40 -23.63 34.64
C VAL B 174 23.12 -24.41 34.88
N PRO B 175 22.90 -24.91 36.11
CA PRO B 175 21.64 -25.58 36.43
C PRO B 175 20.42 -24.68 36.17
N GLY B 176 19.28 -25.29 35.85
CA GLY B 176 18.03 -24.57 35.80
C GLY B 176 17.74 -23.89 37.13
N LEU B 177 17.06 -22.74 37.06
CA LEU B 177 16.73 -21.94 38.24
C LEU B 177 15.38 -21.28 38.08
N ASP B 178 14.83 -20.83 39.20
CA ASP B 178 13.53 -20.17 39.14
C ASP B 178 13.77 -18.73 38.65
N ILE B 179 13.46 -18.48 37.39
CA ILE B 179 13.70 -17.17 36.78
C ILE B 179 12.86 -16.08 37.48
N SER B 180 11.65 -16.43 37.87
CA SER B 180 10.74 -15.47 38.54
C SER B 180 11.22 -15.00 39.91
N ALA B 181 12.08 -15.77 40.57
CA ALA B 181 12.67 -15.37 41.86
C ALA B 181 13.68 -14.24 41.70
N LEU B 182 14.15 -13.97 40.47
CA LEU B 182 15.01 -12.82 40.21
C LEU B 182 14.26 -11.47 40.22
N LEU B 183 12.93 -11.51 40.31
CA LEU B 183 12.10 -10.34 40.12
C LEU B 183 11.46 -9.88 41.43
N PRO B 184 10.99 -8.61 41.47
CA PRO B 184 10.42 -8.05 42.70
C PRO B 184 9.11 -8.66 43.14
N SER B 185 8.65 -8.24 44.31
CA SER B 185 7.51 -8.88 44.96
C SER B 185 6.14 -8.68 44.28
N ASP B 186 5.81 -7.45 43.89
CA ASP B 186 4.45 -7.10 43.51
C ASP B 186 4.36 -6.93 42.00
N PHE B 187 3.78 -7.91 41.33
CA PHE B 187 3.62 -7.86 39.86
C PHE B 187 2.52 -6.86 39.39
N SER B 188 1.79 -6.23 40.33
CA SER B 188 0.75 -5.23 40.02
C SER B 188 1.27 -3.79 40.05
N ARG B 189 2.54 -3.60 40.41
CA ARG B 189 3.12 -2.28 40.57
C ARG B 189 4.28 -2.07 39.64
N TYR B 190 4.03 -1.34 38.55
CA TYR B 190 5.03 -1.08 37.57
C TYR B 190 4.77 0.24 36.78
N PHE B 191 5.82 0.67 36.11
CA PHE B 191 5.76 1.74 35.14
C PHE B 191 5.85 1.11 33.75
N GLN B 192 5.33 1.79 32.73
CA GLN B 192 5.37 1.25 31.40
C GLN B 192 5.41 2.37 30.36
N TYR B 193 6.27 2.21 29.36
CA TYR B 193 6.31 3.12 28.19
C TYR B 193 6.88 2.36 27.00
N GLU B 194 6.81 2.99 25.84
CA GLU B 194 7.43 2.43 24.64
C GLU B 194 8.70 3.18 24.26
N GLY B 195 9.78 2.43 24.02
CA GLY B 195 11.02 2.99 23.61
C GLY B 195 11.81 2.04 22.72
N SER B 196 13.08 1.87 23.05
CA SER B 196 14.03 1.19 22.21
C SER B 196 14.88 0.18 22.95
N LEU B 197 15.62 -0.60 22.18
CA LEU B 197 16.75 -1.34 22.73
C LEU B 197 17.76 -0.29 23.22
N THR B 198 18.41 -0.58 24.35
CA THR B 198 19.40 0.36 24.93
C THR B 198 20.81 0.14 24.40
N THR B 199 20.97 -0.78 23.44
CA THR B 199 22.20 -0.90 22.68
C THR B 199 21.88 -0.90 21.20
N PRO B 200 22.89 -0.71 20.35
CA PRO B 200 22.64 -0.93 18.93
C PRO B 200 22.03 -2.31 18.73
N PRO B 201 21.08 -2.47 17.81
CA PRO B 201 20.72 -1.47 16.81
C PRO B 201 19.70 -0.40 17.23
N CYS B 202 19.42 -0.28 18.54
CA CYS B 202 18.53 0.78 19.07
C CYS B 202 17.16 0.81 18.40
N ALA B 203 16.65 -0.37 18.05
CA ALA B 203 15.36 -0.45 17.39
C ALA B 203 14.24 0.02 18.33
N GLN B 204 13.32 0.79 17.77
CA GLN B 204 12.19 1.34 18.51
C GLN B 204 11.00 0.37 18.48
N GLY B 205 9.93 0.74 19.17
CA GLY B 205 8.77 -0.10 19.36
C GLY B 205 8.84 -1.13 20.48
N VAL B 206 9.84 -1.02 21.36
CA VAL B 206 10.04 -1.96 22.48
C VAL B 206 9.17 -1.49 23.66
N ILE B 207 8.32 -2.37 24.19
CA ILE B 207 7.56 -2.05 25.38
C ILE B 207 8.41 -2.36 26.62
N TRP B 208 8.70 -1.30 27.39
CA TRP B 208 9.46 -1.35 28.61
C TRP B 208 8.53 -1.34 29.82
N THR B 209 8.69 -2.32 30.69
CA THR B 209 7.93 -2.43 31.93
C THR B 209 8.94 -2.46 33.04
N VAL B 210 8.88 -1.47 33.94
CA VAL B 210 9.92 -1.27 34.95
C VAL B 210 9.21 -1.44 36.28
N PHE B 211 9.59 -2.45 37.07
CA PHE B 211 8.89 -2.70 38.32
C PHE B 211 9.08 -1.48 39.25
N ASN B 212 8.06 -1.16 40.03
CA ASN B 212 8.15 -0.13 41.13
C ASN B 212 9.13 -0.59 42.20
N GLN B 213 8.89 -1.79 42.74
CA GLN B 213 9.75 -2.35 43.80
C GLN B 213 11.04 -2.91 43.26
N THR B 214 12.05 -2.96 44.12
CA THR B 214 13.39 -3.41 43.74
C THR B 214 13.65 -4.81 44.35
N VAL B 215 14.76 -5.39 43.94
CA VAL B 215 15.29 -6.59 44.59
C VAL B 215 16.61 -6.19 45.21
N MET B 216 16.97 -6.87 46.29
CA MET B 216 18.18 -6.54 47.04
C MET B 216 19.24 -7.62 46.88
N LEU B 217 20.46 -7.19 46.58
CA LEU B 217 21.66 -8.02 46.59
C LEU B 217 22.54 -7.48 47.71
N SER B 218 23.46 -8.30 48.21
CA SER B 218 24.44 -7.85 49.21
C SER B 218 25.55 -7.07 48.53
N ALA B 219 26.30 -6.30 49.32
CA ALA B 219 27.46 -5.57 48.80
C ALA B 219 28.47 -6.52 48.14
N LYS B 220 28.74 -7.67 48.78
CA LYS B 220 29.64 -8.67 48.19
C LYS B 220 29.15 -9.14 46.80
N GLN B 221 27.85 -9.34 46.68
CA GLN B 221 27.25 -9.79 45.41
C GLN B 221 27.37 -8.73 44.31
N LEU B 222 27.04 -7.49 44.64
CA LEU B 222 27.18 -6.39 43.69
C LEU B 222 28.63 -6.21 43.25
N HIS B 223 29.56 -6.31 44.20
CA HIS B 223 30.97 -6.32 43.88
C HIS B 223 31.34 -7.49 42.96
N THR B 224 30.83 -8.68 43.23
CA THR B 224 31.06 -9.83 42.35
C THR B 224 30.59 -9.55 40.91
N LEU B 225 29.41 -8.93 40.79
CA LEU B 225 28.84 -8.57 39.47
C LEU B 225 29.75 -7.61 38.71
N SER B 226 30.22 -6.55 39.38
CA SER B 226 30.99 -5.50 38.71
C SER B 226 32.48 -5.78 38.58
N ASP B 227 33.01 -6.75 39.32
CA ASP B 227 34.45 -6.95 39.40
C ASP B 227 34.98 -8.19 38.67
N THR B 228 34.11 -9.09 38.23
CA THR B 228 34.56 -10.41 37.73
C THR B 228 34.76 -10.52 36.22
N LEU B 229 33.97 -9.80 35.42
CA LEU B 229 33.94 -10.04 33.98
C LEU B 229 34.82 -9.05 33.23
N TRP B 230 35.42 -9.54 32.14
CA TRP B 230 36.26 -8.73 31.27
C TRP B 230 35.62 -8.59 29.89
N GLY B 231 35.79 -7.39 29.32
CA GLY B 231 35.12 -6.98 28.10
C GLY B 231 36.09 -6.77 26.95
N PRO B 232 35.71 -5.94 25.95
CA PRO B 232 36.55 -5.73 24.76
C PRO B 232 37.97 -5.26 25.07
N GLY B 233 38.94 -5.70 24.27
CA GLY B 233 40.35 -5.37 24.48
C GLY B 233 40.88 -6.00 25.77
N ASP B 234 41.54 -5.17 26.59
CA ASP B 234 42.00 -5.59 27.91
C ASP B 234 41.24 -4.88 29.03
N SER B 235 39.98 -4.49 28.77
CA SER B 235 39.19 -3.66 29.70
C SER B 235 38.23 -4.51 30.57
N ARG B 236 37.92 -4.00 31.76
CA ARG B 236 36.93 -4.63 32.63
C ARG B 236 35.51 -4.42 32.09
N LEU B 237 34.65 -5.41 32.24
CA LEU B 237 33.25 -5.28 31.83
C LEU B 237 32.52 -4.59 32.98
N GLN B 238 32.46 -3.26 32.88
CA GLN B 238 31.86 -2.38 33.88
C GLN B 238 31.16 -1.24 33.21
N LEU B 239 30.30 -0.56 33.96
CA LEU B 239 29.61 0.65 33.52
C LEU B 239 28.90 0.43 32.17
N ASN B 240 28.27 -0.74 32.04
CA ASN B 240 27.71 -1.20 30.78
C ASN B 240 26.24 -0.77 30.69
N PHE B 241 26.03 0.55 30.71
CA PHE B 241 24.72 1.16 30.62
C PHE B 241 24.76 2.37 29.71
N ARG B 242 23.60 2.67 29.15
CA ARG B 242 23.45 3.80 28.24
C ARG B 242 22.96 4.99 29.03
N ALA B 243 23.35 6.19 28.58
CA ALA B 243 22.82 7.41 29.16
C ALA B 243 21.32 7.50 28.97
N THR B 244 20.65 8.15 29.93
CA THR B 244 19.25 8.57 29.89
C THR B 244 18.90 9.31 28.60
N GLN B 245 17.71 9.03 28.07
CA GLN B 245 17.26 9.57 26.78
C GLN B 245 16.00 10.35 27.03
N PRO B 246 15.76 11.44 26.27
CA PRO B 246 14.52 12.22 26.43
C PRO B 246 13.21 11.50 26.09
N LEU B 247 12.19 11.74 26.89
CA LEU B 247 10.87 11.20 26.62
C LEU B 247 10.25 11.73 25.32
N ASN B 248 10.59 12.96 24.93
CA ASN B 248 10.02 13.57 23.73
C ASN B 248 8.51 13.47 23.63
N GLY B 249 7.80 13.77 24.73
CA GLY B 249 6.34 13.72 24.72
C GLY B 249 5.67 12.41 25.14
N ARG B 250 6.45 11.35 25.18
CA ARG B 250 5.97 10.08 25.76
C ARG B 250 5.66 10.29 27.22
N VAL B 251 4.55 9.74 27.67
CA VAL B 251 4.10 9.84 29.03
C VAL B 251 4.21 8.44 29.61
N ILE B 252 4.93 8.33 30.72
CA ILE B 252 5.10 7.03 31.37
C ILE B 252 3.81 6.68 32.09
N GLU B 253 3.35 5.45 31.92
CA GLU B 253 2.18 5.00 32.60
C GLU B 253 2.55 4.29 33.91
N ALA B 254 1.63 4.33 34.87
CA ALA B 254 1.79 3.62 36.15
C ALA B 254 0.59 2.76 36.38
N SER B 255 0.81 1.54 36.90
CA SER B 255 -0.26 0.62 37.19
C SER B 255 -0.90 0.88 38.55
N PHE B 256 -0.46 1.92 39.25
CA PHE B 256 -0.90 2.22 40.61
C PHE B 256 -1.03 3.73 40.79
N PRO B 257 -1.98 4.18 41.64
CA PRO B 257 -2.15 5.64 41.85
C PRO B 257 -0.96 6.30 42.58
N TRP C 7 7.07 -21.73 -4.27
CA TRP C 7 7.83 -21.76 -5.57
C TRP C 7 9.34 -21.54 -5.34
N ARG C 8 10.14 -22.03 -6.27
CA ARG C 8 11.59 -21.80 -6.23
C ARG C 8 12.22 -21.82 -7.61
N TYR C 9 13.45 -21.34 -7.67
CA TYR C 9 14.27 -21.47 -8.86
C TYR C 9 14.79 -22.91 -8.94
N GLY C 10 15.02 -23.37 -10.18
CA GLY C 10 15.63 -24.67 -10.45
C GLY C 10 14.92 -25.90 -9.91
N GLY C 11 13.58 -25.87 -9.89
CA GLY C 11 12.82 -27.03 -9.44
C GLY C 11 11.34 -26.84 -9.16
N ASP C 12 10.73 -27.92 -8.66
CA ASP C 12 9.30 -28.01 -8.41
C ASP C 12 8.81 -27.09 -7.27
N PRO C 13 7.54 -26.72 -7.26
CA PRO C 13 6.53 -27.11 -8.27
C PRO C 13 6.62 -26.27 -9.56
N PRO C 14 6.12 -26.81 -10.69
CA PRO C 14 6.08 -26.00 -11.92
C PRO C 14 5.33 -24.70 -11.69
N TRP C 15 5.91 -23.58 -12.14
CA TRP C 15 5.30 -22.26 -11.92
C TRP C 15 3.86 -22.14 -12.44
N PRO C 16 3.52 -22.77 -13.59
CA PRO C 16 2.14 -22.70 -14.04
C PRO C 16 1.12 -23.32 -13.07
N ARG C 17 1.51 -24.32 -12.29
CA ARG C 17 0.65 -24.81 -11.20
C ARG C 17 0.50 -23.76 -10.10
N VAL C 18 1.57 -23.04 -9.77
CA VAL C 18 1.54 -22.00 -8.76
C VAL C 18 0.62 -20.84 -9.18
N SER C 19 0.83 -20.34 -10.39
CA SER C 19 -0.01 -19.30 -10.98
C SER C 19 -0.13 -19.56 -12.49
N PRO C 20 -1.37 -19.68 -13.01
CA PRO C 20 -1.59 -19.84 -14.46
C PRO C 20 -0.94 -18.78 -15.33
N ALA C 21 -0.84 -17.55 -14.81
CA ALA C 21 -0.23 -16.44 -15.54
C ALA C 21 1.23 -16.68 -15.95
N CYS C 22 1.93 -17.57 -15.24
CA CYS C 22 3.30 -17.97 -15.58
C CYS C 22 3.38 -18.70 -16.94
N ALA C 23 2.24 -19.18 -17.45
CA ALA C 23 2.14 -19.75 -18.81
C ALA C 23 1.54 -18.77 -19.84
N GLY C 24 1.50 -17.47 -19.52
CA GLY C 24 1.00 -16.49 -20.46
C GLY C 24 1.95 -16.33 -21.67
N ARG C 25 1.41 -15.80 -22.76
CA ARG C 25 2.17 -15.65 -24.00
C ARG C 25 3.27 -14.57 -23.93
N PHE C 26 3.12 -13.61 -23.02
CA PHE C 26 3.90 -12.37 -23.06
C PHE C 26 4.61 -12.14 -21.71
N GLN C 27 5.59 -13.02 -21.47
CA GLN C 27 6.30 -13.10 -20.20
C GLN C 27 7.63 -12.35 -20.26
N SER C 28 8.19 -12.11 -19.08
CA SER C 28 9.51 -11.47 -18.89
C SER C 28 10.39 -12.45 -18.12
N PRO C 29 11.71 -12.33 -18.18
CA PRO C 29 12.46 -11.35 -18.94
C PRO C 29 12.64 -11.81 -20.39
N VAL C 30 13.25 -10.94 -21.19
CA VAL C 30 13.42 -11.15 -22.64
C VAL C 30 14.84 -10.86 -23.07
N ASP C 31 15.18 -11.33 -24.27
CA ASP C 31 16.43 -10.94 -24.93
C ASP C 31 16.19 -9.67 -25.71
N ILE C 32 16.91 -8.61 -25.37
CA ILE C 32 16.82 -7.34 -26.08
C ILE C 32 17.80 -7.39 -27.25
N ARG C 33 17.29 -7.13 -28.45
CA ARG C 33 18.08 -7.07 -29.67
C ARG C 33 18.00 -5.65 -30.16
N PRO C 34 19.03 -4.82 -29.85
CA PRO C 34 18.90 -3.41 -30.17
C PRO C 34 18.67 -3.08 -31.65
N GLN C 35 19.22 -3.90 -32.56
CA GLN C 35 18.98 -3.78 -34.02
C GLN C 35 17.49 -3.83 -34.34
N LEU C 36 16.75 -4.69 -33.63
CA LEU C 36 15.30 -4.88 -33.85
C LEU C 36 14.36 -4.00 -32.99
N ALA C 37 14.89 -3.07 -32.21
CA ALA C 37 14.04 -2.23 -31.36
C ALA C 37 13.51 -1.06 -32.16
N ALA C 38 12.30 -0.63 -31.85
CA ALA C 38 11.69 0.51 -32.51
C ALA C 38 12.06 1.79 -31.78
N PHE C 39 12.81 2.66 -32.46
CA PHE C 39 13.06 3.99 -31.95
C PHE C 39 11.74 4.75 -31.80
N SER C 40 11.47 5.26 -30.60
CA SER C 40 10.26 6.01 -30.31
CA SER C 40 10.26 6.05 -30.35
C SER C 40 10.61 7.35 -29.63
N PRO C 41 10.56 8.49 -30.37
CA PRO C 41 10.91 9.77 -29.73
C PRO C 41 9.92 10.29 -28.69
N ALA C 42 8.77 9.62 -28.54
CA ALA C 42 7.85 9.91 -27.45
C ALA C 42 8.43 9.55 -26.07
N LEU C 43 9.39 8.63 -26.05
CA LEU C 43 10.00 8.13 -24.81
C LEU C 43 11.01 9.13 -24.26
N ARG C 44 10.54 9.95 -23.32
CA ARG C 44 11.31 11.03 -22.72
C ARG C 44 12.13 10.55 -21.50
N PRO C 45 13.01 11.42 -20.98
CA PRO C 45 13.74 10.98 -19.81
C PRO C 45 12.82 10.69 -18.62
N LEU C 46 13.13 9.63 -17.90
CA LEU C 46 12.42 9.24 -16.68
C LEU C 46 12.66 10.29 -15.63
N GLU C 47 11.69 10.49 -14.76
CA GLU C 47 11.78 11.45 -13.67
C GLU C 47 11.43 10.77 -12.35
N LEU C 48 12.38 10.82 -11.41
CA LEU C 48 12.20 10.29 -10.05
C LEU C 48 12.13 11.47 -9.08
N LEU C 49 11.19 11.43 -8.15
CA LEU C 49 11.11 12.40 -7.02
C LEU C 49 11.01 11.63 -5.71
N GLY C 50 11.74 12.13 -4.70
CA GLY C 50 11.71 11.55 -3.36
C GLY C 50 12.67 10.41 -3.13
N PHE C 51 13.55 10.12 -4.09
CA PHE C 51 14.46 8.98 -3.98
C PHE C 51 15.68 9.24 -3.07
N GLN C 52 15.95 10.51 -2.73
CA GLN C 52 17.08 10.86 -1.85
C GLN C 52 16.62 10.82 -0.40
N LEU C 53 16.69 9.64 0.19
CA LEU C 53 16.14 9.43 1.51
C LEU C 53 17.13 9.84 2.60
N PRO C 54 16.63 10.37 3.72
CA PRO C 54 17.47 10.60 4.88
C PRO C 54 17.75 9.28 5.65
N PRO C 55 18.73 9.30 6.57
CA PRO C 55 19.06 8.05 7.29
C PRO C 55 17.89 7.39 8.02
N LEU C 56 17.00 8.20 8.60
CA LEU C 56 15.82 7.73 9.31
C LEU C 56 14.54 8.24 8.64
N PRO C 57 13.51 7.42 8.55
CA PRO C 57 13.42 6.10 9.20
C PRO C 57 14.22 5.05 8.43
N GLU C 58 14.59 3.98 9.11
CA GLU C 58 15.32 2.91 8.43
C GLU C 58 14.36 2.12 7.52
N LEU C 59 14.96 1.37 6.61
CA LEU C 59 14.26 0.50 5.66
C LEU C 59 14.54 -0.97 5.97
N ARG C 60 13.57 -1.85 5.72
CA ARG C 60 13.73 -3.27 5.96
C ARG C 60 14.39 -3.95 4.73
N LEU C 61 15.44 -4.71 4.98
CA LEU C 61 16.20 -5.45 3.96
C LEU C 61 16.09 -6.92 4.31
N ARG C 62 15.57 -7.71 3.39
CA ARG C 62 15.18 -9.04 3.68
C ARG C 62 15.74 -10.05 2.70
N ASN C 63 16.28 -11.13 3.23
CA ASN C 63 16.56 -12.34 2.47
C ASN C 63 15.29 -13.18 2.45
N ASN C 64 14.54 -13.11 1.36
CA ASN C 64 13.29 -13.85 1.24
C ASN C 64 13.45 -15.29 0.67
N GLY C 65 14.69 -15.72 0.44
CA GLY C 65 14.97 -17.06 -0.05
C GLY C 65 15.14 -17.11 -1.57
N HIS C 66 14.64 -16.10 -2.27
CA HIS C 66 14.86 -16.01 -3.71
C HIS C 66 15.49 -14.69 -4.20
N SER C 67 15.63 -13.72 -3.31
CA SER C 67 16.41 -12.50 -3.58
C SER C 67 16.71 -11.79 -2.25
N VAL C 68 17.40 -10.68 -2.34
CA VAL C 68 17.47 -9.73 -1.24
C VAL C 68 16.58 -8.58 -1.66
N GLN C 69 15.61 -8.23 -0.83
CA GLN C 69 14.63 -7.20 -1.14
C GLN C 69 14.65 -6.06 -0.13
N LEU C 70 14.69 -4.84 -0.61
CA LEU C 70 14.65 -3.66 0.21
C LEU C 70 13.26 -3.09 0.06
N THR C 71 12.55 -2.94 1.17
CA THR C 71 11.24 -2.32 1.16
C THR C 71 11.41 -0.82 1.09
N LEU C 72 10.71 -0.18 0.17
CA LEU C 72 10.83 1.27 -0.01
C LEU C 72 9.65 1.98 0.68
N PRO C 73 9.89 3.19 1.20
CA PRO C 73 8.83 3.89 1.93
C PRO C 73 7.87 4.60 0.97
N PRO C 74 6.72 5.08 1.48
CA PRO C 74 5.88 5.96 0.64
C PRO C 74 6.62 7.21 0.22
N GLY C 75 6.15 7.82 -0.86
CA GLY C 75 6.67 9.08 -1.37
C GLY C 75 7.75 9.02 -2.43
N LEU C 76 8.06 7.84 -2.98
CA LEU C 76 9.03 7.76 -4.07
C LEU C 76 8.24 7.74 -5.38
N GLU C 77 8.21 8.88 -6.07
CA GLU C 77 7.42 9.07 -7.28
C GLU C 77 8.28 8.84 -8.51
N MET C 78 7.71 8.15 -9.49
CA MET C 78 8.39 7.86 -10.74
C MET C 78 7.42 8.10 -11.89
N ALA C 79 7.84 8.86 -12.89
CA ALA C 79 7.02 9.12 -14.06
C ALA C 79 7.72 8.53 -15.27
N LEU C 80 7.00 7.69 -16.01
CA LEU C 80 7.54 7.14 -17.27
C LEU C 80 7.38 8.14 -18.40
N GLY C 81 6.55 9.15 -18.17
CA GLY C 81 6.29 10.18 -19.11
C GLY C 81 5.12 10.94 -18.56
N PRO C 82 4.71 12.03 -19.22
CA PRO C 82 3.51 12.79 -18.85
C PRO C 82 2.27 11.90 -18.71
N GLY C 83 1.57 12.01 -17.60
CA GLY C 83 0.40 11.17 -17.32
C GLY C 83 0.64 9.69 -17.04
N ARG C 84 1.90 9.27 -16.82
CA ARG C 84 2.23 7.85 -16.59
C ARG C 84 2.98 7.78 -15.26
N GLU C 85 2.22 7.94 -14.18
CA GLU C 85 2.80 8.12 -12.84
C GLU C 85 2.72 6.88 -11.96
N TYR C 86 3.82 6.63 -11.26
CA TYR C 86 4.02 5.44 -10.44
C TYR C 86 4.60 5.83 -9.08
N ARG C 87 4.49 4.91 -8.12
CA ARG C 87 5.17 5.02 -6.81
C ARG C 87 5.96 3.75 -6.54
N ALA C 88 7.18 3.89 -6.02
CA ALA C 88 8.04 2.73 -5.81
C ALA C 88 7.62 1.94 -4.58
N LEU C 89 7.68 0.61 -4.70
CA LEU C 89 7.35 -0.30 -3.61
C LEU C 89 8.55 -0.96 -2.97
N GLN C 90 9.47 -1.41 -3.79
CA GLN C 90 10.58 -2.20 -3.32
C GLN C 90 11.61 -2.31 -4.44
N LEU C 91 12.83 -2.67 -4.05
CA LEU C 91 13.84 -3.07 -4.97
C LEU C 91 14.45 -4.39 -4.55
N HIS C 92 14.93 -5.12 -5.54
CA HIS C 92 15.64 -6.36 -5.27
C HIS C 92 16.58 -6.67 -6.44
N LEU C 93 17.37 -7.71 -6.28
CA LEU C 93 18.43 -8.03 -7.21
C LEU C 93 18.37 -9.49 -7.70
N HIS C 94 18.96 -9.72 -8.88
CA HIS C 94 19.11 -11.07 -9.43
C HIS C 94 20.58 -11.21 -9.79
N TRP C 95 21.16 -12.36 -9.51
CA TRP C 95 22.62 -12.55 -9.67
C TRP C 95 22.96 -13.99 -9.99
N GLY C 96 24.23 -14.20 -10.30
CA GLY C 96 24.69 -15.50 -10.76
C GLY C 96 25.40 -16.32 -9.71
N ALA C 97 26.62 -16.75 -10.05
CA ALA C 97 27.48 -17.51 -9.15
C ALA C 97 28.93 -17.21 -9.53
N ALA C 98 29.88 -17.91 -8.90
CA ALA C 98 31.32 -17.72 -9.19
C ALA C 98 31.60 -17.90 -10.70
N GLY C 99 32.00 -16.80 -11.35
CA GLY C 99 32.24 -16.78 -12.82
C GLY C 99 31.08 -17.23 -13.70
N ARG C 100 29.85 -16.96 -13.26
CA ARG C 100 28.64 -17.30 -14.02
C ARG C 100 27.66 -16.14 -13.88
N PRO C 101 27.26 -15.53 -15.00
CA PRO C 101 26.41 -14.34 -14.90
C PRO C 101 24.97 -14.70 -14.51
N GLY C 102 24.22 -13.69 -14.07
CA GLY C 102 22.87 -13.91 -13.55
C GLY C 102 21.86 -12.79 -13.72
N SER C 103 22.09 -11.86 -14.65
CA SER C 103 21.04 -10.93 -15.05
C SER C 103 19.84 -11.70 -15.63
N GLU C 104 18.68 -11.05 -15.63
CA GLU C 104 17.45 -11.65 -16.13
C GLU C 104 17.28 -11.30 -17.60
N HIS C 105 17.31 -10.02 -17.92
CA HIS C 105 17.35 -9.60 -19.30
C HIS C 105 18.72 -9.92 -19.89
N THR C 106 18.75 -10.12 -21.21
CA THR C 106 19.99 -10.25 -21.96
C THR C 106 19.97 -9.28 -23.12
N VAL C 107 21.15 -9.01 -23.67
CA VAL C 107 21.30 -8.11 -24.82
C VAL C 107 22.12 -8.87 -25.87
N GLU C 108 21.49 -9.16 -27.01
CA GLU C 108 22.07 -10.04 -28.04
C GLU C 108 22.58 -11.34 -27.44
N GLY C 109 21.81 -11.91 -26.53
CA GLY C 109 22.19 -13.14 -25.87
C GLY C 109 23.22 -13.00 -24.75
N HIS C 110 23.76 -11.79 -24.54
CA HIS C 110 24.76 -11.59 -23.50
C HIS C 110 24.08 -11.41 -22.12
N ARG C 111 24.40 -12.30 -21.17
CA ARG C 111 23.93 -12.21 -19.79
C ARG C 111 24.95 -11.44 -18.94
N PHE C 112 24.48 -10.42 -18.22
CA PHE C 112 25.34 -9.58 -17.40
C PHE C 112 25.47 -10.20 -16.00
N PRO C 113 26.49 -9.81 -15.22
CA PRO C 113 26.69 -10.44 -13.91
C PRO C 113 25.44 -10.41 -12.98
N ALA C 114 24.78 -9.26 -12.91
CA ALA C 114 23.59 -9.12 -12.07
C ALA C 114 22.68 -8.01 -12.59
N GLU C 115 21.51 -7.85 -11.93
CA GLU C 115 20.51 -6.91 -12.38
C GLU C 115 19.67 -6.41 -11.20
N ILE C 116 19.41 -5.12 -11.16
CA ILE C 116 18.53 -4.50 -10.16
C ILE C 116 17.15 -4.19 -10.74
N HIS C 117 16.11 -4.51 -9.97
CA HIS C 117 14.73 -4.14 -10.25
C HIS C 117 14.16 -3.27 -9.16
N VAL C 118 13.66 -2.10 -9.54
CA VAL C 118 12.88 -1.21 -8.72
C VAL C 118 11.42 -1.33 -9.20
N VAL C 119 10.60 -1.93 -8.35
CA VAL C 119 9.20 -2.25 -8.66
C VAL C 119 8.28 -1.11 -8.21
N HIS C 120 7.39 -0.68 -9.11
CA HIS C 120 6.49 0.43 -8.91
C HIS C 120 5.05 0.08 -9.20
N LEU C 121 4.15 0.81 -8.52
CA LEU C 121 2.70 0.65 -8.62
C LEU C 121 2.12 1.90 -9.25
N SER C 122 1.27 1.74 -10.25
CA SER C 122 0.57 2.88 -10.83
C SER C 122 -0.25 3.61 -9.76
N THR C 123 -0.26 4.93 -9.84
CA THR C 123 -1.05 5.75 -8.91
C THR C 123 -2.56 5.54 -9.02
N ALA C 124 -3.01 4.85 -10.07
CA ALA C 124 -4.42 4.52 -10.21
C ALA C 124 -4.87 3.34 -9.34
N PHE C 125 -3.93 2.65 -8.71
CA PHE C 125 -4.21 1.51 -7.84
C PHE C 125 -3.69 1.74 -6.43
N ALA C 126 -4.44 1.27 -5.45
CA ALA C 126 -4.06 1.36 -4.04
C ALA C 126 -3.18 0.21 -3.61
N ARG C 127 -3.33 -0.94 -4.25
CA ARG C 127 -2.61 -2.14 -3.86
C ARG C 127 -2.14 -2.91 -5.06
N VAL C 128 -1.03 -3.61 -4.89
CA VAL C 128 -0.47 -4.45 -5.95
C VAL C 128 -1.49 -5.47 -6.46
N ASP C 129 -2.24 -6.08 -5.55
CA ASP C 129 -3.23 -7.13 -5.85
CA ASP C 129 -3.10 -7.17 -5.98
C ASP C 129 -4.27 -6.70 -6.89
N GLU C 130 -4.66 -5.43 -6.82
CA GLU C 130 -5.62 -4.83 -7.76
C GLU C 130 -4.96 -4.49 -9.14
N ALA C 131 -3.67 -4.19 -9.12
CA ALA C 131 -2.94 -3.79 -10.31
C ALA C 131 -2.46 -4.98 -11.15
N LEU C 132 -2.37 -6.15 -10.53
CA LEU C 132 -1.86 -7.34 -11.22
C LEU C 132 -2.70 -7.65 -12.44
N GLY C 133 -2.02 -7.88 -13.56
CA GLY C 133 -2.72 -8.19 -14.81
C GLY C 133 -3.36 -7.02 -15.51
N ARG C 134 -3.36 -5.82 -14.91
CA ARG C 134 -4.04 -4.66 -15.50
C ARG C 134 -3.01 -3.92 -16.35
N PRO C 135 -3.44 -3.29 -17.46
CA PRO C 135 -2.46 -2.67 -18.36
C PRO C 135 -1.68 -1.54 -17.69
N GLY C 136 -0.37 -1.67 -17.62
CA GLY C 136 0.45 -0.63 -16.98
C GLY C 136 0.25 -0.47 -15.47
N GLY C 137 -0.37 -1.46 -14.83
CA GLY C 137 -0.60 -1.41 -13.37
C GLY C 137 0.68 -1.43 -12.55
N LEU C 138 1.67 -2.17 -13.04
CA LEU C 138 2.98 -2.24 -12.42
C LEU C 138 4.04 -1.81 -13.44
N ALA C 139 5.07 -1.13 -12.97
CA ALA C 139 6.25 -0.78 -13.80
C ALA C 139 7.52 -1.09 -13.06
N VAL C 140 8.46 -1.74 -13.73
CA VAL C 140 9.76 -2.09 -13.13
C VAL C 140 10.87 -1.33 -13.90
N LEU C 141 11.75 -0.68 -13.14
CA LEU C 141 13.01 -0.13 -13.68
C LEU C 141 14.10 -1.16 -13.47
N ALA C 142 14.80 -1.50 -14.56
CA ALA C 142 15.81 -2.54 -14.54
C ALA C 142 17.15 -1.98 -15.06
N ALA C 143 18.22 -2.36 -14.37
CA ALA C 143 19.58 -1.94 -14.75
C ALA C 143 20.49 -3.11 -14.57
N PHE C 144 21.43 -3.26 -15.51
CA PHE C 144 22.44 -4.29 -15.41
C PHE C 144 23.56 -3.78 -14.50
N LEU C 145 24.10 -4.71 -13.72
CA LEU C 145 25.28 -4.47 -12.92
C LEU C 145 26.45 -5.20 -13.59
N GLU C 146 27.54 -4.46 -13.82
CA GLU C 146 28.77 -4.99 -14.45
C GLU C 146 29.97 -4.83 -13.51
N GLU C 147 31.00 -5.65 -13.76
CA GLU C 147 32.26 -5.58 -13.02
C GLU C 147 33.02 -4.33 -13.44
N GLY C 148 33.42 -3.53 -12.46
CA GLY C 148 34.21 -2.32 -12.68
C GLY C 148 35.43 -2.31 -11.79
N PRO C 149 36.32 -1.31 -11.98
CA PRO C 149 37.51 -1.17 -11.12
C PRO C 149 37.25 -0.54 -9.75
N GLU C 150 36.41 0.49 -9.66
CA GLU C 150 36.12 1.16 -8.38
C GLU C 150 35.02 0.44 -7.57
N GLU C 151 35.05 0.63 -6.26
CA GLU C 151 33.98 0.17 -5.37
C GLU C 151 32.81 1.14 -5.50
N ASN C 152 31.61 0.59 -5.75
CA ASN C 152 30.39 1.38 -5.78
C ASN C 152 29.97 1.63 -4.34
N SER C 153 30.02 2.89 -3.92
CA SER C 153 29.76 3.23 -2.53
C SER C 153 28.26 3.19 -2.23
N ALA C 154 27.43 3.49 -3.23
CA ALA C 154 25.98 3.36 -3.04
C ALA C 154 25.60 1.89 -2.75
N TYR C 155 26.09 0.95 -3.55
CA TYR C 155 25.81 -0.47 -3.32
C TYR C 155 26.46 -1.02 -2.04
N GLU C 156 27.61 -0.49 -1.66
CA GLU C 156 28.31 -0.98 -0.47
C GLU C 156 27.43 -0.88 0.79
N GLN C 157 26.61 0.17 0.87
CA GLN C 157 25.64 0.33 1.97
C GLN C 157 24.69 -0.86 2.13
N LEU C 158 24.27 -1.46 1.02
CA LEU C 158 23.45 -2.65 1.07
C LEU C 158 24.30 -3.92 1.13
N LEU C 159 25.37 -3.98 0.33
CA LEU C 159 26.20 -5.20 0.27
C LEU C 159 26.89 -5.52 1.59
N SER C 160 27.28 -4.50 2.36
CA SER C 160 27.89 -4.72 3.69
C SER C 160 26.93 -5.29 4.76
N ARG C 161 25.62 -5.31 4.47
CA ARG C 161 24.62 -5.84 5.38
C ARG C 161 24.13 -7.24 5.05
N LEU C 162 24.60 -7.84 3.96
CA LEU C 162 24.11 -9.15 3.55
C LEU C 162 24.48 -10.24 4.54
N GLU C 163 25.67 -10.15 5.13
CA GLU C 163 26.12 -11.16 6.10
C GLU C 163 25.13 -11.33 7.25
N GLU C 164 24.60 -10.21 7.75
CA GLU C 164 23.53 -10.21 8.78
C GLU C 164 22.28 -10.96 8.38
N ILE C 165 22.01 -11.05 7.08
CA ILE C 165 20.81 -11.73 6.61
C ILE C 165 21.14 -12.97 5.77
N ALA C 166 22.29 -13.59 6.05
CA ALA C 166 22.72 -14.78 5.30
C ALA C 166 21.65 -15.87 5.34
N GLU C 167 20.98 -16.01 6.49
CA GLU C 167 19.96 -17.03 6.69
C GLU C 167 18.71 -16.74 5.85
N GLU C 168 18.20 -17.77 5.19
CA GLU C 168 16.94 -17.66 4.44
C GLU C 168 15.83 -17.19 5.38
N GLY C 169 15.10 -16.17 4.94
CA GLY C 169 13.97 -15.67 5.69
C GLY C 169 14.34 -14.67 6.78
N SER C 170 15.58 -14.20 6.79
CA SER C 170 16.01 -13.27 7.81
C SER C 170 15.97 -11.86 7.24
N GLU C 171 16.00 -10.89 8.14
CA GLU C 171 15.93 -9.49 7.72
C GLU C 171 16.68 -8.59 8.70
N THR C 172 16.94 -7.37 8.25
CA THR C 172 17.59 -6.39 9.08
C THR C 172 17.11 -5.02 8.67
N GLN C 173 17.20 -4.05 9.57
CA GLN C 173 16.85 -2.67 9.27
C GLN C 173 18.12 -1.95 8.84
N VAL C 174 18.06 -1.14 7.77
CA VAL C 174 19.22 -0.39 7.26
C VAL C 174 18.87 1.10 7.09
N PRO C 175 19.87 1.98 7.15
CA PRO C 175 19.57 3.41 6.99
C PRO C 175 19.11 3.78 5.58
N GLY C 176 18.22 4.76 5.47
CA GLY C 176 17.83 5.30 4.19
C GLY C 176 19.05 5.80 3.44
N LEU C 177 18.97 5.75 2.13
CA LEU C 177 20.08 6.16 1.26
C LEU C 177 19.49 6.76 0.01
N ASP C 178 20.35 7.26 -0.87
CA ASP C 178 19.90 7.77 -2.15
C ASP C 178 19.63 6.57 -3.04
N ILE C 179 18.36 6.23 -3.17
CA ILE C 179 17.96 5.04 -3.92
C ILE C 179 18.35 5.18 -5.41
N SER C 180 18.27 6.40 -5.93
CA SER C 180 18.59 6.69 -7.33
C SER C 180 20.06 6.51 -7.64
N ALA C 181 20.92 6.57 -6.63
CA ALA C 181 22.33 6.26 -6.81
C ALA C 181 22.62 4.77 -7.02
N LEU C 182 21.63 3.89 -6.84
CA LEU C 182 21.73 2.48 -7.23
C LEU C 182 21.41 2.22 -8.71
N LEU C 183 20.95 3.26 -9.39
CA LEU C 183 20.61 3.20 -10.80
C LEU C 183 21.65 3.98 -11.63
N PRO C 184 21.64 3.79 -12.96
CA PRO C 184 22.48 4.64 -13.84
C PRO C 184 22.09 6.11 -13.78
N SER C 185 23.07 6.98 -14.04
CA SER C 185 22.83 8.43 -14.13
C SER C 185 22.09 8.83 -15.40
N ASP C 186 22.21 8.05 -16.46
CA ASP C 186 21.50 8.34 -17.71
C ASP C 186 20.08 7.75 -17.66
N PHE C 187 19.09 8.61 -17.47
CA PHE C 187 17.67 8.24 -17.48
C PHE C 187 17.01 8.54 -18.82
N SER C 188 17.79 8.98 -19.82
CA SER C 188 17.26 9.33 -21.13
C SER C 188 17.35 8.16 -22.13
N ARG C 189 18.27 7.21 -21.90
CA ARG C 189 18.52 6.11 -22.83
C ARG C 189 18.10 4.75 -22.28
N TYR C 190 17.01 4.21 -22.85
CA TYR C 190 16.48 2.94 -22.35
C TYR C 190 15.64 2.21 -23.38
N PHE C 191 15.44 0.93 -23.11
CA PHE C 191 14.49 0.12 -23.83
C PHE C 191 13.22 0.00 -22.99
N GLN C 192 12.07 -0.10 -23.66
CA GLN C 192 10.80 -0.29 -22.96
C GLN C 192 9.91 -1.30 -23.67
N TYR C 193 9.26 -2.16 -22.91
CA TYR C 193 8.33 -3.14 -23.47
C TYR C 193 7.36 -3.60 -22.38
N GLU C 194 6.27 -4.19 -22.82
CA GLU C 194 5.27 -4.74 -21.92
C GLU C 194 5.49 -6.23 -21.75
N GLY C 195 5.54 -6.68 -20.50
CA GLY C 195 5.71 -8.08 -20.19
C GLY C 195 5.06 -8.49 -18.86
N SER C 196 5.79 -9.27 -18.09
CA SER C 196 5.27 -9.86 -16.85
C SER C 196 6.20 -9.69 -15.65
N LEU C 197 5.70 -10.06 -14.48
CA LEU C 197 6.58 -10.31 -13.34
C LEU C 197 7.37 -11.57 -13.65
N THR C 198 8.63 -11.60 -13.23
CA THR C 198 9.53 -12.71 -13.56
C THR C 198 9.51 -13.84 -12.55
N THR C 199 8.65 -13.75 -11.53
CA THR C 199 8.45 -14.85 -10.61
C THR C 199 6.93 -14.98 -10.48
N PRO C 200 6.43 -16.08 -9.90
CA PRO C 200 5.01 -16.11 -9.62
C PRO C 200 4.60 -14.87 -8.79
N PRO C 201 3.41 -14.33 -9.03
CA PRO C 201 2.38 -14.91 -9.89
C PRO C 201 2.53 -14.68 -11.41
N CYS C 202 3.61 -14.05 -11.87
CA CYS C 202 3.88 -13.85 -13.31
C CYS C 202 2.85 -13.05 -14.09
N ALA C 203 2.14 -12.15 -13.41
CA ALA C 203 1.08 -11.38 -13.99
C ALA C 203 1.60 -10.51 -15.12
N GLN C 204 0.81 -10.42 -16.20
CA GLN C 204 1.18 -9.59 -17.35
C GLN C 204 0.70 -8.14 -17.19
N GLY C 205 0.96 -7.28 -18.17
CA GLY C 205 0.61 -5.86 -18.07
C GLY C 205 1.72 -5.02 -17.43
N VAL C 206 2.88 -5.62 -17.17
CA VAL C 206 3.97 -4.93 -16.49
C VAL C 206 4.76 -4.15 -17.56
N ILE C 207 4.96 -2.85 -17.33
CA ILE C 207 5.82 -2.04 -18.18
C ILE C 207 7.27 -2.13 -17.67
N TRP C 208 8.13 -2.73 -18.50
CA TRP C 208 9.57 -2.91 -18.19
C TRP C 208 10.37 -1.83 -18.88
N THR C 209 11.21 -1.13 -18.09
CA THR C 209 12.12 -0.11 -18.63
C THR C 209 13.53 -0.57 -18.24
N VAL C 210 14.38 -0.83 -19.26
CA VAL C 210 15.71 -1.39 -19.05
C VAL C 210 16.70 -0.34 -19.52
N PHE C 211 17.57 0.11 -18.61
CA PHE C 211 18.51 1.19 -18.95
C PHE C 211 19.56 0.70 -19.95
N ASN C 212 19.95 1.58 -20.86
CA ASN C 212 21.09 1.34 -21.76
C ASN C 212 22.40 1.33 -20.94
N GLN C 213 22.60 2.38 -20.16
CA GLN C 213 23.81 2.51 -19.31
C GLN C 213 23.75 1.49 -18.17
N THR C 214 24.86 0.80 -17.91
CA THR C 214 24.96 -0.13 -16.78
C THR C 214 25.58 0.56 -15.55
N VAL C 215 25.54 -0.16 -14.42
CA VAL C 215 26.07 0.29 -13.15
C VAL C 215 27.28 -0.57 -12.87
N MET C 216 28.35 0.04 -12.35
CA MET C 216 29.58 -0.69 -12.09
C MET C 216 29.75 -1.07 -10.62
N LEU C 217 29.92 -2.35 -10.35
CA LEU C 217 30.29 -2.86 -9.04
C LEU C 217 31.70 -3.43 -9.14
N SER C 218 32.43 -3.40 -8.03
CA SER C 218 33.76 -4.04 -7.98
C SER C 218 33.58 -5.54 -7.98
N ALA C 219 34.65 -6.25 -8.33
CA ALA C 219 34.63 -7.71 -8.35
C ALA C 219 34.34 -8.28 -6.95
N LYS C 220 34.93 -7.65 -5.94
CA LYS C 220 34.68 -8.01 -4.55
C LYS C 220 33.18 -7.91 -4.22
N GLN C 221 32.58 -6.80 -4.62
CA GLN C 221 31.15 -6.53 -4.42
C GLN C 221 30.25 -7.54 -5.12
N LEU C 222 30.60 -7.91 -6.35
CA LEU C 222 29.83 -8.92 -7.07
C LEU C 222 29.96 -10.28 -6.39
N HIS C 223 31.14 -10.60 -5.87
CA HIS C 223 31.32 -11.84 -5.09
C HIS C 223 30.50 -11.84 -3.78
N THR C 224 30.46 -10.70 -3.09
CA THR C 224 29.66 -10.57 -1.86
C THR C 224 28.18 -10.84 -2.17
N LEU C 225 27.67 -10.18 -3.22
CA LEU C 225 26.27 -10.36 -3.64
C LEU C 225 25.95 -11.83 -3.92
N SER C 226 26.81 -12.49 -4.69
CA SER C 226 26.58 -13.87 -5.09
C SER C 226 26.96 -14.93 -4.06
N ASP C 227 27.80 -14.63 -3.08
CA ASP C 227 28.34 -15.67 -2.20
C ASP C 227 27.94 -15.60 -0.72
N THR C 228 27.08 -14.66 -0.35
CA THR C 228 26.72 -14.44 1.06
C THR C 228 25.40 -15.09 1.45
N LEU C 229 24.36 -14.98 0.63
CA LEU C 229 23.02 -15.39 1.04
C LEU C 229 22.71 -16.86 0.79
N TRP C 230 21.90 -17.41 1.68
CA TRP C 230 21.47 -18.80 1.62
C TRP C 230 19.98 -18.88 1.31
N GLY C 231 19.59 -19.93 0.60
CA GLY C 231 18.24 -20.06 0.09
C GLY C 231 17.58 -21.33 0.60
N PRO C 232 16.54 -21.81 -0.10
CA PRO C 232 15.84 -23.02 0.36
C PRO C 232 16.74 -24.27 0.36
N GLY C 233 16.47 -25.20 1.26
CA GLY C 233 17.37 -26.33 1.52
C GLY C 233 18.62 -25.86 2.27
N ASP C 234 19.63 -26.72 2.35
CA ASP C 234 20.93 -26.33 2.89
C ASP C 234 21.81 -25.84 1.74
N SER C 235 21.37 -24.77 1.07
CA SER C 235 21.85 -24.44 -0.28
C SER C 235 21.95 -22.93 -0.59
N ARG C 236 22.99 -22.56 -1.34
CA ARG C 236 23.29 -21.14 -1.64
C ARG C 236 22.24 -20.43 -2.49
N LEU C 237 22.03 -19.15 -2.21
CA LEU C 237 21.12 -18.31 -3.00
C LEU C 237 21.90 -17.71 -4.15
N GLN C 238 21.82 -18.37 -5.29
CA GLN C 238 22.59 -18.03 -6.48
C GLN C 238 21.79 -18.40 -7.72
N LEU C 239 22.13 -17.74 -8.82
CA LEU C 239 21.55 -18.03 -10.14
C LEU C 239 20.03 -17.83 -10.10
N ASN C 240 19.61 -16.75 -9.42
CA ASN C 240 18.20 -16.54 -9.06
C ASN C 240 17.56 -15.69 -10.14
N PHE C 241 17.52 -16.26 -11.35
CA PHE C 241 16.95 -15.60 -12.53
C PHE C 241 16.10 -16.59 -13.32
N ARG C 242 15.12 -16.07 -14.04
CA ARG C 242 14.24 -16.87 -14.86
C ARG C 242 14.85 -16.93 -16.27
N ALA C 243 14.65 -18.06 -16.93
CA ALA C 243 15.07 -18.19 -18.34
C ALA C 243 14.41 -17.12 -19.23
N THR C 244 15.14 -16.69 -20.25
CA THR C 244 14.64 -15.75 -21.23
C THR C 244 13.36 -16.29 -21.88
N GLN C 245 12.41 -15.39 -22.12
CA GLN C 245 11.09 -15.73 -22.61
C GLN C 245 10.93 -15.11 -23.97
N PRO C 246 10.22 -15.79 -24.90
CA PRO C 246 10.14 -15.22 -26.25
C PRO C 246 9.32 -13.95 -26.33
N LEU C 247 9.73 -13.01 -27.17
CA LEU C 247 8.93 -11.83 -27.41
C LEU C 247 7.51 -12.16 -27.97
N ASN C 248 7.39 -13.23 -28.76
CA ASN C 248 6.09 -13.64 -29.35
C ASN C 248 5.32 -12.55 -30.10
N GLY C 249 6.05 -11.74 -30.86
CA GLY C 249 5.46 -10.67 -31.65
C GLY C 249 5.54 -9.31 -31.04
N ARG C 250 5.91 -9.21 -29.75
CA ARG C 250 6.09 -7.91 -29.12
C ARG C 250 7.27 -7.22 -29.74
N VAL C 251 7.16 -5.91 -29.87
CA VAL C 251 8.27 -5.06 -30.29
C VAL C 251 8.80 -4.25 -29.12
N ILE C 252 10.10 -4.29 -28.90
CA ILE C 252 10.75 -3.51 -27.84
C ILE C 252 11.00 -2.11 -28.38
N GLU C 253 10.58 -1.09 -27.62
CA GLU C 253 10.83 0.31 -27.97
C GLU C 253 12.21 0.74 -27.40
N ALA C 254 12.76 1.81 -27.99
CA ALA C 254 14.04 2.39 -27.54
C ALA C 254 13.89 3.89 -27.52
N SER C 255 14.44 4.55 -26.49
CA SER C 255 14.30 5.99 -26.34
C SER C 255 15.32 6.78 -27.18
N PHE C 256 16.15 6.07 -27.94
CA PHE C 256 17.26 6.67 -28.69
C PHE C 256 17.38 5.97 -30.05
N PRO C 257 17.82 6.71 -31.10
CA PRO C 257 17.99 6.11 -32.44
C PRO C 257 19.06 5.00 -32.50
N TRP D 7 -25.14 18.63 -17.00
CA TRP D 7 -24.22 19.34 -17.96
C TRP D 7 -24.86 19.44 -19.35
N ARG D 8 -24.36 20.38 -20.14
CA ARG D 8 -24.86 20.64 -21.49
C ARG D 8 -23.73 21.20 -22.34
N TYR D 9 -23.93 21.20 -23.67
CA TYR D 9 -23.00 21.85 -24.60
C TYR D 9 -23.40 23.31 -24.80
N GLY D 10 -22.40 24.16 -25.00
CA GLY D 10 -22.61 25.59 -25.31
C GLY D 10 -23.27 26.42 -24.22
N GLY D 11 -22.76 26.32 -23.00
CA GLY D 11 -23.30 27.10 -21.88
C GLY D 11 -23.28 26.38 -20.55
N ASP D 12 -23.51 27.16 -19.50
CA ASP D 12 -23.42 26.71 -18.10
C ASP D 12 -24.32 25.51 -17.76
N PRO D 13 -24.00 24.73 -16.71
CA PRO D 13 -22.87 24.98 -15.79
C PRO D 13 -21.49 24.68 -16.41
N PRO D 14 -20.44 25.42 -16.00
CA PRO D 14 -19.10 25.03 -16.48
C PRO D 14 -18.77 23.64 -16.00
N TRP D 15 -18.04 22.89 -16.83
CA TRP D 15 -17.91 21.44 -16.64
C TRP D 15 -17.14 21.03 -15.38
N PRO D 16 -16.03 21.74 -15.03
CA PRO D 16 -15.37 21.45 -13.75
C PRO D 16 -16.26 21.63 -12.51
N ARG D 17 -17.30 22.47 -12.59
CA ARG D 17 -18.33 22.56 -11.54
C ARG D 17 -19.16 21.28 -11.41
N VAL D 18 -19.46 20.62 -12.53
CA VAL D 18 -20.18 19.33 -12.51
C VAL D 18 -19.22 18.19 -12.17
N SER D 19 -18.07 18.20 -12.83
CA SER D 19 -17.06 17.16 -12.71
C SER D 19 -15.67 17.78 -12.64
N PRO D 20 -15.15 17.98 -11.42
CA PRO D 20 -13.80 18.51 -11.27
C PRO D 20 -12.69 17.81 -12.08
N ALA D 21 -12.87 16.52 -12.38
CA ALA D 21 -11.98 15.81 -13.30
C ALA D 21 -11.81 16.48 -14.67
N CYS D 22 -12.84 17.18 -15.15
CA CYS D 22 -12.74 17.93 -16.42
C CYS D 22 -11.65 19.00 -16.44
N ALA D 23 -11.20 19.44 -15.25
CA ALA D 23 -10.04 20.32 -15.13
C ALA D 23 -8.73 19.58 -14.96
N GLY D 24 -8.69 18.26 -15.20
CA GLY D 24 -7.43 17.50 -15.20
C GLY D 24 -6.45 17.94 -16.27
N ARG D 25 -5.21 17.48 -16.15
CA ARG D 25 -4.11 17.92 -17.05
C ARG D 25 -3.99 17.18 -18.39
N PHE D 26 -4.73 16.09 -18.56
CA PHE D 26 -4.53 15.20 -19.71
C PHE D 26 -5.89 14.85 -20.29
N GLN D 27 -6.49 15.88 -20.88
CA GLN D 27 -7.86 15.80 -21.35
C GLN D 27 -7.91 15.63 -22.87
N SER D 28 -9.10 15.30 -23.36
CA SER D 28 -9.38 15.08 -24.77
C SER D 28 -10.64 15.88 -25.10
N PRO D 29 -10.82 16.31 -26.35
CA PRO D 29 -9.97 16.03 -27.49
C PRO D 29 -8.78 16.99 -27.57
N VAL D 30 -7.89 16.71 -28.52
CA VAL D 30 -6.72 17.52 -28.76
C VAL D 30 -6.62 17.89 -30.23
N ASP D 31 -5.75 18.85 -30.50
CA ASP D 31 -5.42 19.24 -31.85
C ASP D 31 -4.20 18.43 -32.24
N ILE D 32 -4.34 17.67 -33.33
CA ILE D 32 -3.27 16.81 -33.82
C ILE D 32 -2.49 17.63 -34.82
N ARG D 33 -1.17 17.69 -34.65
CA ARG D 33 -0.29 18.41 -35.57
C ARG D 33 0.65 17.37 -36.10
N PRO D 34 0.34 16.81 -37.28
CA PRO D 34 1.08 15.65 -37.78
C PRO D 34 2.59 15.83 -37.87
N GLN D 35 3.05 17.06 -38.07
CA GLN D 35 4.49 17.40 -38.12
C GLN D 35 5.16 17.13 -36.77
N LEU D 36 4.45 17.47 -35.69
CA LEU D 36 4.93 17.28 -34.33
C LEU D 36 4.56 15.93 -33.71
N ALA D 37 3.85 15.09 -34.46
CA ALA D 37 3.55 13.72 -34.03
C ALA D 37 4.80 12.89 -34.15
N ALA D 38 4.98 11.99 -33.20
CA ALA D 38 6.16 11.14 -33.15
C ALA D 38 5.89 9.81 -33.85
N PHE D 39 6.70 9.51 -34.87
CA PHE D 39 6.59 8.23 -35.57
C PHE D 39 7.09 7.14 -34.66
N SER D 40 6.21 6.19 -34.34
CA SER D 40 6.63 5.03 -33.57
C SER D 40 6.29 3.72 -34.27
N PRO D 41 7.30 3.05 -34.84
CA PRO D 41 7.06 1.82 -35.62
C PRO D 41 6.68 0.57 -34.81
N ALA D 42 6.64 0.67 -33.48
CA ALA D 42 6.05 -0.39 -32.66
C ALA D 42 4.52 -0.45 -32.82
N LEU D 43 3.88 0.64 -33.22
CA LEU D 43 2.43 0.70 -33.36
C LEU D 43 1.99 -0.21 -34.50
N ARG D 44 1.24 -1.27 -34.16
CA ARG D 44 0.85 -2.32 -35.11
C ARG D 44 -0.49 -1.98 -35.74
N PRO D 45 -0.83 -2.64 -36.84
CA PRO D 45 -2.18 -2.47 -37.36
C PRO D 45 -3.26 -2.91 -36.36
N LEU D 46 -4.32 -2.13 -36.26
CA LEU D 46 -5.46 -2.45 -35.39
C LEU D 46 -6.10 -3.79 -35.80
N GLU D 47 -6.53 -4.59 -34.83
CA GLU D 47 -7.26 -5.83 -35.13
C GLU D 47 -8.66 -5.71 -34.56
N LEU D 48 -9.67 -5.93 -35.39
CA LEU D 48 -11.06 -5.77 -35.01
C LEU D 48 -11.82 -6.99 -35.51
N LEU D 49 -12.15 -7.92 -34.62
CA LEU D 49 -12.88 -9.16 -34.96
C LEU D 49 -14.27 -9.18 -34.35
N GLY D 50 -15.20 -9.83 -35.03
CA GLY D 50 -16.60 -9.92 -34.55
C GLY D 50 -17.48 -8.74 -34.85
N PHE D 51 -17.01 -7.82 -35.67
CA PHE D 51 -17.70 -6.55 -35.96
C PHE D 51 -18.75 -6.66 -37.06
N GLN D 52 -18.72 -7.75 -37.83
CA GLN D 52 -19.64 -7.94 -38.94
C GLN D 52 -20.93 -8.59 -38.44
N LEU D 53 -21.82 -7.78 -37.89
CA LEU D 53 -22.97 -8.34 -37.19
C LEU D 53 -24.04 -8.79 -38.16
N PRO D 54 -24.74 -9.89 -37.85
CA PRO D 54 -25.81 -10.34 -38.72
C PRO D 54 -27.08 -9.50 -38.48
N PRO D 55 -28.09 -9.63 -39.36
CA PRO D 55 -29.27 -8.79 -39.24
C PRO D 55 -30.02 -8.85 -37.89
N LEU D 56 -30.03 -10.02 -37.26
CA LEU D 56 -30.62 -10.21 -35.92
C LEU D 56 -29.57 -10.79 -34.98
N PRO D 57 -29.58 -10.45 -33.68
CA PRO D 57 -30.57 -9.57 -33.08
C PRO D 57 -30.40 -8.11 -33.45
N GLU D 58 -31.43 -7.33 -33.16
CA GLU D 58 -31.42 -5.89 -33.42
C GLU D 58 -30.57 -5.19 -32.37
N LEU D 59 -30.21 -3.95 -32.64
CA LEU D 59 -29.41 -3.13 -31.73
C LEU D 59 -30.18 -1.88 -31.29
N ARG D 60 -30.05 -1.52 -30.02
CA ARG D 60 -30.62 -0.31 -29.47
C ARG D 60 -29.92 0.92 -30.00
N LEU D 61 -30.71 1.84 -30.56
CA LEU D 61 -30.20 3.16 -30.97
C LEU D 61 -30.99 4.21 -30.21
N ARG D 62 -30.25 5.10 -29.52
CA ARG D 62 -30.83 6.00 -28.53
C ARG D 62 -30.39 7.45 -28.77
N ASN D 63 -31.34 8.38 -28.76
CA ASN D 63 -31.06 9.81 -28.61
C ASN D 63 -31.00 10.04 -27.12
N ASN D 64 -29.81 10.35 -26.61
CA ASN D 64 -29.64 10.55 -25.17
C ASN D 64 -29.55 12.02 -24.77
N GLY D 65 -29.78 12.92 -25.73
CA GLY D 65 -29.70 14.36 -25.51
C GLY D 65 -28.36 14.97 -25.80
N HIS D 66 -27.29 14.18 -25.71
CA HIS D 66 -25.92 14.62 -26.00
C HIS D 66 -25.35 14.03 -27.31
N SER D 67 -25.97 12.95 -27.79
CA SER D 67 -25.49 12.22 -28.98
C SER D 67 -26.52 11.19 -29.39
N VAL D 68 -26.25 10.52 -30.51
CA VAL D 68 -26.99 9.31 -30.87
C VAL D 68 -26.03 8.17 -30.57
N GLN D 69 -26.49 7.19 -29.81
CA GLN D 69 -25.65 6.11 -29.35
C GLN D 69 -26.25 4.77 -29.71
N LEU D 70 -25.39 3.93 -30.29
CA LEU D 70 -25.71 2.57 -30.66
C LEU D 70 -25.08 1.63 -29.65
N THR D 71 -25.89 0.79 -29.02
CA THR D 71 -25.37 -0.18 -28.10
C THR D 71 -24.84 -1.38 -28.88
N LEU D 72 -23.59 -1.78 -28.60
CA LEU D 72 -23.00 -2.92 -29.28
C LEU D 72 -23.12 -4.19 -28.45
N PRO D 73 -23.27 -5.34 -29.12
CA PRO D 73 -23.42 -6.61 -28.42
C PRO D 73 -22.09 -7.13 -27.93
N PRO D 74 -22.11 -8.20 -27.10
CA PRO D 74 -20.86 -8.87 -26.77
C PRO D 74 -20.19 -9.49 -28.02
N GLY D 75 -18.87 -9.64 -27.98
CA GLY D 75 -18.11 -10.35 -29.03
C GLY D 75 -17.37 -9.47 -30.05
N LEU D 76 -17.44 -8.15 -29.90
CA LEU D 76 -16.67 -7.24 -30.74
C LEU D 76 -15.31 -7.06 -30.10
N GLU D 77 -14.33 -7.82 -30.60
CA GLU D 77 -13.00 -7.88 -29.98
C GLU D 77 -12.00 -7.02 -30.73
N MET D 78 -11.15 -6.30 -29.99
CA MET D 78 -10.26 -5.32 -30.59
C MET D 78 -8.92 -5.34 -29.88
N ALA D 79 -7.83 -5.28 -30.65
CA ALA D 79 -6.50 -5.29 -30.08
C ALA D 79 -5.70 -4.08 -30.51
N LEU D 80 -5.10 -3.41 -29.53
CA LEU D 80 -4.17 -2.29 -29.79
C LEU D 80 -2.73 -2.78 -30.01
N GLY D 81 -2.45 -4.02 -29.61
CA GLY D 81 -1.12 -4.60 -29.64
C GLY D 81 -1.22 -6.03 -29.14
N PRO D 82 -0.12 -6.78 -29.15
CA PRO D 82 -0.13 -8.19 -28.77
C PRO D 82 -0.61 -8.40 -27.31
N GLY D 83 -1.75 -9.07 -27.15
CA GLY D 83 -2.34 -9.27 -25.82
C GLY D 83 -3.02 -8.06 -25.18
N ARG D 84 -3.13 -6.94 -25.90
CA ARG D 84 -3.67 -5.72 -25.34
C ARG D 84 -5.02 -5.56 -25.96
N GLU D 85 -6.00 -6.27 -25.37
CA GLU D 85 -7.29 -6.50 -25.96
C GLU D 85 -8.43 -5.82 -25.24
N TYR D 86 -9.48 -5.59 -26.03
CA TYR D 86 -10.63 -4.75 -25.68
C TYR D 86 -11.91 -5.38 -26.23
N ARG D 87 -13.04 -5.02 -25.65
CA ARG D 87 -14.36 -5.37 -26.18
CA ARG D 87 -14.36 -5.37 -26.18
C ARG D 87 -15.12 -4.08 -26.46
N ALA D 88 -15.73 -3.97 -27.65
CA ALA D 88 -16.51 -2.76 -27.98
C ALA D 88 -17.82 -2.71 -27.20
N LEU D 89 -18.14 -1.55 -26.64
CA LEU D 89 -19.38 -1.35 -25.86
C LEU D 89 -20.48 -0.63 -26.62
N GLN D 90 -20.11 0.43 -27.30
CA GLN D 90 -21.05 1.31 -27.95
C GLN D 90 -20.31 2.19 -28.91
N LEU D 91 -21.06 2.82 -29.79
CA LEU D 91 -20.54 3.89 -30.62
C LEU D 91 -21.52 5.05 -30.65
N HIS D 92 -20.98 6.24 -30.91
CA HIS D 92 -21.82 7.44 -30.99
C HIS D 92 -21.08 8.49 -31.81
N LEU D 93 -21.77 9.58 -32.08
CA LEU D 93 -21.26 10.63 -32.97
C LEU D 93 -21.20 12.02 -32.32
N HIS D 94 -20.32 12.84 -32.89
CA HIS D 94 -20.25 14.28 -32.64
C HIS D 94 -20.34 15.03 -33.96
N TRP D 95 -21.11 16.10 -33.98
CA TRP D 95 -21.39 16.84 -35.22
C TRP D 95 -21.68 18.31 -34.97
N GLY D 96 -21.71 19.09 -36.06
CA GLY D 96 -21.87 20.54 -35.98
C GLY D 96 -23.30 21.02 -36.16
N ALA D 97 -23.49 21.97 -37.06
CA ALA D 97 -24.82 22.43 -37.45
C ALA D 97 -24.77 22.96 -38.88
N ALA D 98 -25.91 23.46 -39.37
CA ALA D 98 -25.98 24.08 -40.70
C ALA D 98 -24.74 24.93 -40.98
N GLY D 99 -23.90 24.47 -41.90
CA GLY D 99 -22.71 25.21 -42.34
C GLY D 99 -21.52 25.29 -41.39
N ARG D 100 -21.52 24.53 -40.29
CA ARG D 100 -20.43 24.60 -39.30
C ARG D 100 -19.98 23.18 -38.90
N PRO D 101 -18.65 22.90 -38.95
CA PRO D 101 -18.16 21.56 -38.62
C PRO D 101 -18.25 21.28 -37.10
N GLY D 102 -18.24 20.00 -36.73
CA GLY D 102 -18.32 19.63 -35.31
C GLY D 102 -17.60 18.36 -34.91
N SER D 103 -16.50 18.03 -35.58
CA SER D 103 -15.60 16.99 -35.06
C SER D 103 -15.02 17.47 -33.72
N GLU D 104 -14.55 16.52 -32.92
CA GLU D 104 -13.97 16.81 -31.60
C GLU D 104 -12.49 17.06 -31.73
N HIS D 105 -11.77 16.09 -32.26
CA HIS D 105 -10.36 16.26 -32.59
C HIS D 105 -10.26 17.21 -33.79
N THR D 106 -9.08 17.80 -33.97
CA THR D 106 -8.81 18.71 -35.08
C THR D 106 -7.42 18.36 -35.59
N VAL D 107 -7.14 18.65 -36.85
CA VAL D 107 -5.82 18.39 -37.44
C VAL D 107 -5.27 19.72 -37.92
N GLU D 108 -4.06 20.07 -37.45
CA GLU D 108 -3.45 21.39 -37.69
C GLU D 108 -4.48 22.54 -37.66
N GLY D 109 -5.40 22.47 -36.70
CA GLY D 109 -6.47 23.46 -36.56
C GLY D 109 -7.75 23.18 -37.32
N HIS D 110 -7.73 22.26 -38.29
CA HIS D 110 -8.92 21.97 -39.10
C HIS D 110 -9.91 21.08 -38.36
N ARG D 111 -11.15 21.59 -38.23
CA ARG D 111 -12.27 20.83 -37.70
C ARG D 111 -13.04 20.19 -38.85
N PHE D 112 -13.27 18.89 -38.75
CA PHE D 112 -13.96 18.14 -39.79
C PHE D 112 -15.46 18.19 -39.53
N PRO D 113 -16.29 17.88 -40.54
CA PRO D 113 -17.75 17.95 -40.33
C PRO D 113 -18.28 17.18 -39.11
N ALA D 114 -17.82 15.95 -38.91
CA ALA D 114 -18.30 15.12 -37.82
C ALA D 114 -17.25 14.08 -37.41
N GLU D 115 -17.55 13.33 -36.35
CA GLU D 115 -16.61 12.36 -35.80
C GLU D 115 -17.36 11.19 -35.19
N ILE D 116 -16.84 9.98 -35.41
CA ILE D 116 -17.40 8.75 -34.82
C ILE D 116 -16.45 8.20 -33.75
N HIS D 117 -17.03 7.74 -32.64
CA HIS D 117 -16.30 7.16 -31.54
C HIS D 117 -16.82 5.79 -31.25
N VAL D 118 -15.93 4.82 -31.24
CA VAL D 118 -16.27 3.45 -30.88
C VAL D 118 -15.56 3.22 -29.56
N VAL D 119 -16.36 3.07 -28.51
CA VAL D 119 -15.84 3.00 -27.15
C VAL D 119 -15.66 1.54 -26.71
N HIS D 120 -14.47 1.22 -26.19
CA HIS D 120 -14.13 -0.15 -25.76
C HIS D 120 -13.66 -0.21 -24.31
N LEU D 121 -13.79 -1.40 -23.73
CA LEU D 121 -13.35 -1.73 -22.39
C LEU D 121 -12.25 -2.76 -22.45
N SER D 122 -11.12 -2.48 -21.79
CA SER D 122 -10.06 -3.46 -21.62
C SER D 122 -10.61 -4.75 -21.01
N THR D 123 -10.25 -5.88 -21.60
CA THR D 123 -10.65 -7.18 -21.10
C THR D 123 -9.99 -7.50 -19.76
N ALA D 124 -9.04 -6.67 -19.31
CA ALA D 124 -8.51 -6.78 -17.93
C ALA D 124 -9.50 -6.32 -16.86
N PHE D 125 -10.56 -5.62 -17.25
CA PHE D 125 -11.57 -5.14 -16.31
C PHE D 125 -12.93 -5.73 -16.69
N ALA D 126 -13.70 -6.14 -15.67
CA ALA D 126 -15.02 -6.73 -15.86
C ALA D 126 -16.07 -5.70 -16.20
N ARG D 127 -15.95 -4.50 -15.63
CA ARG D 127 -16.94 -3.46 -15.78
C ARG D 127 -16.29 -2.11 -16.14
N VAL D 128 -17.06 -1.25 -16.79
CA VAL D 128 -16.59 0.10 -17.14
C VAL D 128 -16.15 0.87 -15.90
N ASP D 129 -16.95 0.78 -14.83
CA ASP D 129 -16.62 1.56 -13.61
C ASP D 129 -15.24 1.24 -12.97
N GLU D 130 -14.79 -0.01 -13.06
CA GLU D 130 -13.42 -0.35 -12.66
C GLU D 130 -12.34 0.25 -13.57
N ALA D 131 -12.65 0.37 -14.85
CA ALA D 131 -11.72 0.90 -15.82
C ALA D 131 -11.57 2.43 -15.79
N LEU D 132 -12.61 3.15 -15.36
CA LEU D 132 -12.56 4.62 -15.30
C LEU D 132 -11.37 5.08 -14.47
N GLY D 133 -10.55 5.95 -15.07
CA GLY D 133 -9.34 6.46 -14.43
C GLY D 133 -8.11 5.59 -14.47
N ARG D 134 -8.23 4.34 -14.93
CA ARG D 134 -7.09 3.45 -14.95
C ARG D 134 -6.43 3.56 -16.34
N PRO D 135 -5.09 3.57 -16.41
CA PRO D 135 -4.41 3.70 -17.70
C PRO D 135 -4.78 2.54 -18.66
N GLY D 136 -5.30 2.90 -19.82
CA GLY D 136 -5.69 1.92 -20.82
C GLY D 136 -6.95 1.16 -20.47
N GLY D 137 -7.71 1.62 -19.47
CA GLY D 137 -8.90 0.93 -19.05
C GLY D 137 -9.96 0.97 -20.13
N LEU D 138 -10.13 2.15 -20.71
CA LEU D 138 -11.00 2.39 -21.86
C LEU D 138 -10.14 2.82 -23.03
N ALA D 139 -10.57 2.46 -24.23
CA ALA D 139 -9.90 2.82 -25.47
C ALA D 139 -10.98 3.21 -26.49
N VAL D 140 -10.81 4.37 -27.12
CA VAL D 140 -11.77 4.86 -28.11
C VAL D 140 -11.09 4.87 -29.47
N LEU D 141 -11.79 4.35 -30.46
CA LEU D 141 -11.39 4.48 -31.88
C LEU D 141 -12.18 5.60 -32.46
N ALA D 142 -11.48 6.58 -33.02
CA ALA D 142 -12.10 7.80 -33.51
C ALA D 142 -11.79 7.96 -35.00
N ALA D 143 -12.80 8.32 -35.77
CA ALA D 143 -12.61 8.60 -37.21
C ALA D 143 -13.37 9.85 -37.61
N PHE D 144 -12.70 10.68 -38.40
CA PHE D 144 -13.33 11.90 -38.94
C PHE D 144 -14.29 11.58 -40.07
N LEU D 145 -15.46 12.22 -40.07
CA LEU D 145 -16.42 12.13 -41.17
C LEU D 145 -16.38 13.42 -42.00
N GLU D 146 -16.06 13.27 -43.28
CA GLU D 146 -15.96 14.37 -44.28
C GLU D 146 -17.07 14.29 -45.32
N GLU D 147 -17.22 15.36 -46.10
CA GLU D 147 -18.13 15.39 -47.25
C GLU D 147 -17.48 14.73 -48.47
N GLY D 148 -18.21 13.81 -49.09
CA GLY D 148 -17.83 13.21 -50.38
C GLY D 148 -19.02 13.18 -51.33
N PRO D 149 -18.80 12.81 -52.60
CA PRO D 149 -19.88 12.84 -53.58
C PRO D 149 -21.00 11.81 -53.39
N GLU D 150 -20.69 10.61 -52.89
CA GLU D 150 -21.67 9.52 -52.84
C GLU D 150 -22.36 9.35 -51.50
N GLU D 151 -23.53 8.72 -51.53
CA GLU D 151 -24.22 8.25 -50.33
C GLU D 151 -23.38 7.14 -49.70
N ASN D 152 -23.08 7.28 -48.42
CA ASN D 152 -22.36 6.25 -47.68
C ASN D 152 -23.35 5.19 -47.21
N SER D 153 -23.10 3.93 -47.57
CA SER D 153 -24.04 2.85 -47.27
C SER D 153 -24.12 2.47 -45.81
N ALA D 154 -22.95 2.35 -45.18
CA ALA D 154 -22.86 2.00 -43.77
C ALA D 154 -23.62 3.03 -42.91
N TYR D 155 -23.32 4.31 -43.12
CA TYR D 155 -23.95 5.37 -42.34
C TYR D 155 -25.43 5.55 -42.57
N GLU D 156 -25.93 5.24 -43.79
CA GLU D 156 -27.37 5.37 -44.08
CA GLU D 156 -27.37 5.36 -44.09
C GLU D 156 -28.21 4.49 -43.15
N GLN D 157 -27.64 3.36 -42.70
CA GLN D 157 -28.34 2.50 -41.75
C GLN D 157 -28.65 3.20 -40.42
N LEU D 158 -27.77 4.10 -39.98
CA LEU D 158 -28.02 4.88 -38.77
C LEU D 158 -28.80 6.15 -39.07
N LEU D 159 -28.38 6.85 -40.12
CA LEU D 159 -28.95 8.15 -40.46
C LEU D 159 -30.43 8.08 -40.83
N SER D 160 -30.81 7.00 -41.50
CA SER D 160 -32.21 6.79 -41.87
C SER D 160 -33.13 6.52 -40.68
N ARG D 161 -32.56 6.25 -39.50
CA ARG D 161 -33.35 6.00 -38.30
C ARG D 161 -33.42 7.15 -37.31
N LEU D 162 -32.71 8.25 -37.59
CA LEU D 162 -32.66 9.36 -36.64
C LEU D 162 -34.02 10.04 -36.49
N GLU D 163 -34.82 10.01 -37.56
CA GLU D 163 -36.18 10.55 -37.52
C GLU D 163 -37.09 9.81 -36.54
N GLU D 164 -36.87 8.51 -36.37
CA GLU D 164 -37.63 7.72 -35.40
C GLU D 164 -37.30 8.09 -33.94
N ILE D 165 -36.12 8.69 -33.72
CA ILE D 165 -35.66 9.04 -32.37
C ILE D 165 -35.30 10.54 -32.22
N ALA D 166 -36.06 11.40 -32.90
CA ALA D 166 -35.78 12.86 -32.87
C ALA D 166 -35.92 13.48 -31.47
N GLU D 167 -36.88 12.98 -30.69
CA GLU D 167 -37.16 13.49 -29.34
C GLU D 167 -36.07 13.03 -28.38
N GLU D 168 -35.47 13.97 -27.65
CA GLU D 168 -34.47 13.66 -26.62
C GLU D 168 -34.97 12.51 -25.76
N GLY D 169 -34.08 11.55 -25.47
CA GLY D 169 -34.42 10.40 -24.65
C GLY D 169 -35.26 9.31 -25.30
N SER D 170 -35.51 9.41 -26.61
CA SER D 170 -36.28 8.37 -27.30
C SER D 170 -35.31 7.37 -27.92
N GLU D 171 -35.80 6.17 -28.21
CA GLU D 171 -34.97 5.10 -28.73
C GLU D 171 -35.72 4.18 -29.66
N THR D 172 -34.95 3.41 -30.43
CA THR D 172 -35.48 2.47 -31.39
C THR D 172 -34.54 1.26 -31.52
N GLN D 173 -35.06 0.17 -32.07
CA GLN D 173 -34.26 -1.01 -32.37
C GLN D 173 -33.95 -1.00 -33.85
N VAL D 174 -32.67 -1.19 -34.21
CA VAL D 174 -32.25 -1.23 -35.63
C VAL D 174 -31.72 -2.61 -35.99
N PRO D 175 -31.83 -3.00 -37.27
CA PRO D 175 -31.17 -4.23 -37.71
C PRO D 175 -29.67 -4.22 -37.43
N GLY D 176 -29.10 -5.40 -37.20
CA GLY D 176 -27.66 -5.56 -37.18
C GLY D 176 -26.99 -5.02 -38.44
N LEU D 177 -25.78 -4.50 -38.26
CA LEU D 177 -25.00 -3.94 -39.36
C LEU D 177 -23.55 -4.25 -39.15
N ASP D 178 -22.78 -4.16 -40.23
CA ASP D 178 -21.34 -4.33 -40.13
C ASP D 178 -20.73 -3.06 -39.54
N ILE D 179 -20.30 -3.15 -38.29
CA ILE D 179 -19.76 -2.01 -37.58
C ILE D 179 -18.42 -1.55 -38.18
N SER D 180 -17.64 -2.51 -38.67
CA SER D 180 -16.32 -2.23 -39.26
C SER D 180 -16.39 -1.43 -40.56
N ALA D 181 -17.52 -1.47 -41.25
CA ALA D 181 -17.74 -0.69 -42.48
C ALA D 181 -17.91 0.81 -42.21
N LEU D 182 -18.14 1.20 -40.96
CA LEU D 182 -18.23 2.61 -40.57
C LEU D 182 -16.87 3.27 -40.44
N LEU D 183 -15.81 2.47 -40.53
CA LEU D 183 -14.47 2.94 -40.24
C LEU D 183 -13.64 3.09 -41.52
N PRO D 184 -12.54 3.85 -41.45
CA PRO D 184 -11.70 4.08 -42.63
C PRO D 184 -11.06 2.83 -43.20
N SER D 185 -10.43 3.00 -44.35
CA SER D 185 -9.87 1.88 -45.09
C SER D 185 -8.64 1.22 -44.48
N ASP D 186 -7.69 2.01 -44.00
CA ASP D 186 -6.38 1.49 -43.59
C ASP D 186 -6.23 1.46 -42.05
N PHE D 187 -6.23 0.26 -41.49
CA PHE D 187 -6.11 0.05 -40.03
C PHE D 187 -4.67 0.13 -39.51
N SER D 188 -3.69 0.34 -40.40
CA SER D 188 -2.30 0.52 -40.01
C SER D 188 -1.90 1.99 -39.85
N ARG D 189 -2.80 2.92 -40.18
CA ARG D 189 -2.50 4.36 -40.22
C ARG D 189 -3.33 5.14 -39.23
N TYR D 190 -2.70 5.50 -38.11
CA TYR D 190 -3.43 6.19 -37.06
C TYR D 190 -2.53 7.01 -36.14
N PHE D 191 -3.16 7.96 -35.47
CA PHE D 191 -2.54 8.69 -34.37
C PHE D 191 -2.99 8.03 -33.05
N GLN D 192 -2.14 8.07 -32.02
CA GLN D 192 -2.49 7.54 -30.70
C GLN D 192 -1.88 8.37 -29.57
N TYR D 193 -2.71 8.69 -28.58
CA TYR D 193 -2.28 9.36 -27.35
C TYR D 193 -3.19 8.91 -26.22
N GLU D 194 -2.82 9.27 -24.99
CA GLU D 194 -3.63 8.98 -23.83
C GLU D 194 -4.27 10.25 -23.31
N GLY D 195 -5.58 10.22 -23.10
CA GLY D 195 -6.32 11.37 -22.66
C GLY D 195 -7.51 10.98 -21.81
N SER D 196 -8.66 11.58 -22.10
CA SER D 196 -9.85 11.49 -21.27
C SER D 196 -11.10 11.22 -22.07
N LEU D 197 -12.20 10.99 -21.35
CA LEU D 197 -13.53 11.12 -21.90
C LEU D 197 -13.72 12.62 -22.30
N THR D 198 -14.44 12.86 -23.40
CA THR D 198 -14.69 14.24 -23.87
C THR D 198 -15.97 14.86 -23.31
N THR D 199 -16.69 14.12 -22.46
CA THR D 199 -17.80 14.67 -21.68
C THR D 199 -17.54 14.35 -20.20
N PRO D 200 -18.30 14.99 -19.29
CA PRO D 200 -18.26 14.52 -17.91
C PRO D 200 -18.62 13.02 -17.88
N PRO D 201 -17.97 12.22 -17.04
CA PRO D 201 -17.14 12.66 -15.92
C PRO D 201 -15.68 12.98 -16.25
N CYS D 202 -15.32 13.05 -17.53
CA CYS D 202 -13.97 13.44 -17.98
C CYS D 202 -12.82 12.57 -17.43
N ALA D 203 -13.11 11.29 -17.20
CA ALA D 203 -12.12 10.36 -16.63
C ALA D 203 -10.91 10.25 -17.53
N GLN D 204 -9.71 10.25 -16.96
CA GLN D 204 -8.45 10.14 -17.72
C GLN D 204 -8.03 8.67 -17.86
N GLY D 205 -6.89 8.42 -18.50
CA GLY D 205 -6.40 7.05 -18.75
C GLY D 205 -6.94 6.44 -20.05
N VAL D 206 -7.74 7.20 -20.80
CA VAL D 206 -8.41 6.69 -22.00
C VAL D 206 -7.40 6.70 -23.15
N ILE D 207 -7.20 5.56 -23.81
CA ILE D 207 -6.29 5.49 -24.97
C ILE D 207 -7.08 5.89 -26.20
N TRP D 208 -6.70 7.01 -26.81
CA TRP D 208 -7.38 7.50 -28.04
C TRP D 208 -6.58 7.05 -29.24
N THR D 209 -7.28 6.48 -30.20
CA THR D 209 -6.68 6.07 -31.49
C THR D 209 -7.52 6.76 -32.56
N VAL D 210 -6.88 7.68 -33.28
CA VAL D 210 -7.56 8.49 -34.30
C VAL D 210 -7.01 8.08 -35.68
N PHE D 211 -7.86 7.51 -36.53
CA PHE D 211 -7.45 7.09 -37.89
C PHE D 211 -6.94 8.30 -38.68
N ASN D 212 -5.86 8.12 -39.45
CA ASN D 212 -5.39 9.14 -40.42
C ASN D 212 -6.49 9.45 -41.43
N GLN D 213 -6.98 8.39 -42.08
CA GLN D 213 -7.94 8.54 -43.18
C GLN D 213 -9.32 8.79 -42.66
N THR D 214 -10.12 9.45 -43.48
CA THR D 214 -11.49 9.81 -43.16
C THR D 214 -12.50 8.90 -43.84
N VAL D 215 -13.75 9.07 -43.45
CA VAL D 215 -14.87 8.38 -44.07
C VAL D 215 -15.71 9.48 -44.70
N MET D 216 -16.29 9.19 -45.85
CA MET D 216 -17.06 10.18 -46.60
C MET D 216 -18.55 9.91 -46.52
N LEU D 217 -19.29 10.95 -46.18
CA LEU D 217 -20.75 10.94 -46.19
C LEU D 217 -21.20 12.02 -47.16
N SER D 218 -22.38 11.85 -47.74
CA SER D 218 -22.90 12.86 -48.67
C SER D 218 -23.31 14.11 -47.92
N ALA D 219 -23.47 15.20 -48.66
CA ALA D 219 -23.88 16.48 -48.09
C ALA D 219 -25.23 16.32 -47.41
N LYS D 220 -26.13 15.57 -48.04
CA LYS D 220 -27.47 15.29 -47.50
C LYS D 220 -27.43 14.49 -46.18
N GLN D 221 -26.51 13.54 -46.12
CA GLN D 221 -26.34 12.68 -44.94
C GLN D 221 -25.84 13.47 -43.71
N LEU D 222 -24.83 14.29 -43.96
CA LEU D 222 -24.33 15.21 -42.95
C LEU D 222 -25.42 16.16 -42.46
N HIS D 223 -26.24 16.65 -43.37
CA HIS D 223 -27.39 17.47 -42.99
C HIS D 223 -28.36 16.69 -42.12
N THR D 224 -28.66 15.44 -42.52
CA THR D 224 -29.55 14.57 -41.74
C THR D 224 -29.05 14.37 -40.30
N LEU D 225 -27.73 14.26 -40.15
CA LEU D 225 -27.10 14.06 -38.84
C LEU D 225 -27.28 15.27 -37.89
N SER D 226 -27.16 16.48 -38.42
CA SER D 226 -27.27 17.72 -37.61
C SER D 226 -28.68 18.32 -37.51
N ASP D 227 -29.58 17.97 -38.42
CA ASP D 227 -30.88 18.63 -38.54
C ASP D 227 -32.05 17.82 -37.97
N THR D 228 -31.81 16.57 -37.56
CA THR D 228 -32.90 15.67 -37.19
C THR D 228 -33.15 15.58 -35.68
N LEU D 229 -32.08 15.56 -34.88
CA LEU D 229 -32.22 15.26 -33.47
C LEU D 229 -32.42 16.49 -32.60
N TRP D 230 -33.27 16.37 -31.60
CA TRP D 230 -33.52 17.41 -30.60
C TRP D 230 -32.95 17.00 -29.23
N GLY D 231 -32.35 17.97 -28.55
CA GLY D 231 -31.61 17.77 -27.30
C GLY D 231 -32.33 18.29 -26.06
N PRO D 232 -31.56 18.79 -25.08
CA PRO D 232 -32.20 19.27 -23.85
C PRO D 232 -32.97 20.56 -24.08
N GLY D 233 -34.08 20.71 -23.34
CA GLY D 233 -34.98 21.85 -23.48
C GLY D 233 -35.77 21.73 -24.77
N ASP D 234 -36.14 22.88 -25.33
CA ASP D 234 -36.77 22.95 -26.64
C ASP D 234 -35.70 23.42 -27.63
N SER D 235 -34.60 22.66 -27.71
CA SER D 235 -33.42 23.04 -28.50
C SER D 235 -32.85 21.86 -29.30
N ARG D 236 -32.34 22.15 -30.49
CA ARG D 236 -31.78 21.13 -31.39
C ARG D 236 -30.53 20.52 -30.80
N LEU D 237 -30.24 19.28 -31.19
CA LEU D 237 -29.02 18.60 -30.80
C LEU D 237 -27.98 18.84 -31.87
N GLN D 238 -27.11 19.82 -31.61
CA GLN D 238 -26.10 20.27 -32.56
C GLN D 238 -24.87 20.75 -31.81
N LEU D 239 -23.76 20.85 -32.52
CA LEU D 239 -22.52 21.37 -31.98
C LEU D 239 -22.13 20.65 -30.68
N ASN D 240 -22.34 19.33 -30.68
CA ASN D 240 -22.15 18.49 -29.50
C ASN D 240 -20.71 17.99 -29.44
N PHE D 241 -19.77 18.93 -29.38
CA PHE D 241 -18.34 18.64 -29.33
C PHE D 241 -17.67 19.48 -28.26
N ARG D 242 -16.57 18.97 -27.75
CA ARG D 242 -15.80 19.67 -26.74
C ARG D 242 -14.64 20.38 -27.40
N ALA D 243 -14.33 21.57 -26.90
CA ALA D 243 -13.18 22.32 -27.36
C ALA D 243 -11.90 21.52 -27.14
N THR D 244 -10.97 21.68 -28.08
CA THR D 244 -9.66 21.06 -28.00
C THR D 244 -8.96 21.44 -26.67
N GLN D 245 -8.07 20.55 -26.20
CA GLN D 245 -7.50 20.65 -24.85
C GLN D 245 -6.00 20.62 -24.94
N PRO D 246 -5.31 21.32 -24.01
CA PRO D 246 -3.85 21.36 -24.07
C PRO D 246 -3.16 20.01 -23.87
N LEU D 247 -2.13 19.75 -24.68
CA LEU D 247 -1.39 18.49 -24.59
C LEU D 247 -0.63 18.34 -23.28
N ASN D 248 -0.13 19.46 -22.74
CA ASN D 248 0.62 19.48 -21.48
C ASN D 248 1.76 18.50 -21.43
N GLY D 249 2.55 18.48 -22.50
CA GLY D 249 3.72 17.63 -22.61
C GLY D 249 3.51 16.27 -23.27
N ARG D 250 2.26 15.84 -23.42
CA ARG D 250 1.96 14.61 -24.16
C ARG D 250 2.40 14.73 -25.61
N VAL D 251 3.12 13.72 -26.09
CA VAL D 251 3.54 13.64 -27.49
C VAL D 251 2.57 12.71 -28.21
N ILE D 252 1.89 13.21 -29.23
CA ILE D 252 0.99 12.36 -30.05
C ILE D 252 1.84 11.44 -30.90
N GLU D 253 1.56 10.14 -30.86
CA GLU D 253 2.30 9.17 -31.64
C GLU D 253 1.56 8.89 -32.94
N ALA D 254 2.31 8.47 -33.96
CA ALA D 254 1.77 8.16 -35.29
C ALA D 254 2.34 6.83 -35.71
N SER D 255 1.49 5.97 -36.28
CA SER D 255 1.92 4.63 -36.69
C SER D 255 2.56 4.63 -38.09
N PHE D 256 2.68 5.81 -38.69
CA PHE D 256 3.19 5.96 -40.06
C PHE D 256 4.11 7.21 -40.13
N PRO D 257 5.12 7.18 -41.02
CA PRO D 257 6.02 8.35 -41.15
C PRO D 257 5.41 9.58 -41.84
#